data_9KRJ
#
_entry.id   9KRJ
#
_cell.length_a   67.540
_cell.length_b   88.120
_cell.length_c   148.110
_cell.angle_alpha   90.000
_cell.angle_beta   90.000
_cell.angle_gamma   90.000
#
_symmetry.space_group_name_H-M   'P 21 21 21'
#
_entity_poly.entity_id   1
_entity_poly.type   'polypeptide(L)'
_entity_poly.pdbx_seq_one_letter_code
;MHTGGETSACKPSSVRLAPSFSFHAAGLQMAAQMPHSHQYSDRRQPSISDQQVSALPYSDQIQQPLTNQVMPDIVMLQRR
MPQTFRDPATAPLRKLSVDLIKTYKHINEVYYAKKKRRHQQGQGDDSSHKKERKVYNDGYDDDNYDYIVKNGEKWMDRYE
IDSLIGKGSFGQVVKAYDRVEQEWVAIKIIKNKKAFLNQAQIEVRLLELMNKHDTEMKYYIVHLKRHFMFRNHLCLVFEM
LSYNLYDLLRNTNFRGVSLNLTRKFAQQMCTALLFLATPELSIIHCDLKPENILLCNPKRSAIKIVDFGSSCQLGQRIYQ
(PTR)IQSRFYRSPEVLLGMPYDLAIDMWSLGCILVEMHTGEPLFSGANEVDQMNKIVEVLGIPPAHILDQAPKARKFFE
KLPDGTWSLKKTKDGKREYKPPGTRKLHNILGVETGGPGGRRAGESGHTVADYLKFKDLILRMLDYDPKTRIQPYYALQH
SFFKKTADEGTNTSNSVSTSPAMEQSQSSGTTSSTSSSSGGSSGTSNSGRARSDPTHQHRHSGGHFAAAVQAMDCETHSP
QVRQQFPAPLGWSGTEAPTQVTVETHPVQETTFHVAPQQNALHHHHGNSSHHHHHHHHHHHHHGQQALGNRTRPRVYNSP
TNSSSTQDSMEVGHSHHSMTSLSSSTTSSSTSSSSTGNQGNQAYQNRPVAANTLDFGQNGAMDVNLTVYSNPRQETGIAG
HPTYQFSANTGPAHYMTEGHLAMRQGADREESPMTGVCVQQSPVASS
;
_entity_poly.pdbx_strand_id   A,B
#
# COMPACT_ATOMS: atom_id res chain seq x y z
N VAL A 135 -21.15 6.74 -0.83
CA VAL A 135 -20.57 7.40 0.34
C VAL A 135 -20.45 6.46 1.56
N TYR A 136 -19.31 6.53 2.22
CA TYR A 136 -19.02 5.72 3.39
C TYR A 136 -18.53 6.61 4.52
N ASN A 137 -18.10 6.00 5.62
CA ASN A 137 -17.66 6.74 6.79
C ASN A 137 -18.63 7.86 7.16
N ASP A 138 -19.92 7.53 7.29
CA ASP A 138 -20.96 8.51 7.63
C ASP A 138 -20.97 9.68 6.65
N GLY A 139 -20.78 9.35 5.37
CA GLY A 139 -20.79 10.37 4.33
C GLY A 139 -19.64 11.36 4.41
N TYR A 140 -18.50 10.92 4.98
CA TYR A 140 -17.26 11.67 5.05
C TYR A 140 -16.24 11.13 4.07
N ASP A 141 -16.50 9.97 3.44
CA ASP A 141 -15.62 9.39 2.43
C ASP A 141 -16.36 9.24 1.10
N ASP A 142 -15.65 9.49 -0.01
CA ASP A 142 -16.21 9.26 -1.34
C ASP A 142 -16.05 7.78 -1.77
N ASP A 143 -16.45 7.47 -3.02
CA ASP A 143 -16.34 6.10 -3.48
C ASP A 143 -14.95 5.76 -3.97
N ASN A 144 -13.97 6.61 -3.66
CA ASN A 144 -12.55 6.31 -3.77
C ASN A 144 -11.87 6.22 -2.39
N TYR A 145 -12.67 6.27 -1.31
CA TYR A 145 -12.19 6.13 0.07
C TYR A 145 -11.33 7.32 0.51
N ASP A 146 -11.66 8.49 -0.05
CA ASP A 146 -10.97 9.75 0.17
C ASP A 146 -11.90 10.66 0.95
N TYR A 147 -11.33 11.48 1.84
CA TYR A 147 -12.12 12.36 2.69
C TYR A 147 -12.68 13.53 1.88
N ILE A 148 -13.99 13.73 1.97
CA ILE A 148 -14.71 14.80 1.30
C ILE A 148 -14.43 16.13 2.00
N VAL A 149 -13.45 16.89 1.48
CA VAL A 149 -12.99 18.10 2.17
C VAL A 149 -14.02 19.21 1.98
N LYS A 150 -14.32 19.95 3.05
CA LYS A 150 -15.14 21.15 2.99
C LYS A 150 -14.36 22.33 3.56
N ASN A 151 -14.17 23.38 2.75
CA ASN A 151 -13.50 24.59 3.22
C ASN A 151 -14.27 25.23 4.38
N GLY A 152 -13.55 25.66 5.40
CA GLY A 152 -14.12 26.38 6.52
C GLY A 152 -14.29 25.54 7.74
N GLU A 153 -14.14 24.23 7.61
CA GLU A 153 -14.46 23.27 8.65
C GLU A 153 -13.46 23.33 9.80
N LYS A 154 -13.95 23.14 11.02
CA LYS A 154 -13.13 23.15 12.23
C LYS A 154 -12.97 21.71 12.73
N TRP A 155 -11.74 21.34 13.11
CA TRP A 155 -11.43 20.01 13.63
C TRP A 155 -11.00 20.15 15.09
N MET A 156 -11.67 19.43 15.99
CA MET A 156 -11.30 19.34 17.41
C MET A 156 -11.05 20.73 18.02
N ASP A 157 -11.75 21.75 17.51
CA ASP A 157 -11.60 23.13 18.02
C ASP A 157 -10.16 23.64 17.92
N ARG A 158 -9.45 23.27 16.85
CA ARG A 158 -8.04 23.61 16.73
C ARG A 158 -7.64 24.00 15.31
N TYR A 159 -8.03 23.21 14.32
CA TYR A 159 -7.61 23.39 12.93
C TYR A 159 -8.79 23.90 12.11
N GLU A 160 -8.66 25.12 11.59
CA GLU A 160 -9.62 25.63 10.62
C GLU A 160 -9.08 25.31 9.23
N ILE A 161 -9.83 24.51 8.48
CA ILE A 161 -9.40 24.07 7.16
C ILE A 161 -9.64 25.20 6.18
N ASP A 162 -8.58 25.64 5.49
CA ASP A 162 -8.73 26.72 4.54
C ASP A 162 -9.06 26.19 3.14
N SER A 163 -8.14 25.44 2.52
CA SER A 163 -8.32 24.98 1.15
C SER A 163 -7.45 23.75 0.86
N LEU A 164 -7.80 23.05 -0.22
CA LEU A 164 -7.01 21.93 -0.75
C LEU A 164 -5.82 22.45 -1.55
N ILE A 165 -4.60 22.05 -1.17
CA ILE A 165 -3.39 22.47 -1.88
C ILE A 165 -2.73 21.31 -2.59
N GLY A 166 -3.26 20.10 -2.50
CA GLY A 166 -2.65 18.95 -3.17
C GLY A 166 -3.49 17.70 -3.11
N LYS A 167 -3.69 17.05 -4.25
CA LYS A 167 -4.47 15.83 -4.37
C LYS A 167 -3.62 14.76 -5.04
N GLY A 168 -3.80 13.49 -4.68
CA GLY A 168 -3.05 12.46 -5.35
C GLY A 168 -3.63 11.09 -5.13
N SER A 169 -2.85 10.07 -5.53
CA SER A 169 -3.23 8.68 -5.25
C SER A 169 -3.26 8.45 -3.74
N PHE A 170 -2.25 8.96 -3.05
CA PHE A 170 -2.15 8.80 -1.61
C PHE A 170 -3.33 9.42 -0.87
N GLY A 171 -3.94 10.47 -1.44
CA GLY A 171 -4.99 11.21 -0.79
C GLY A 171 -4.92 12.71 -1.05
N GLN A 172 -4.88 13.50 0.02
CA GLN A 172 -4.99 14.95 -0.12
C GLN A 172 -4.11 15.69 0.89
N VAL A 173 -3.86 16.96 0.56
CA VAL A 173 -3.14 17.91 1.40
C VAL A 173 -3.99 19.18 1.50
N VAL A 174 -4.09 19.75 2.70
CA VAL A 174 -4.92 20.93 2.93
C VAL A 174 -4.14 21.96 3.73
N LYS A 175 -4.33 23.23 3.39
CA LYS A 175 -3.85 24.35 4.19
C LYS A 175 -4.82 24.58 5.34
N ALA A 176 -4.27 24.77 6.54
CA ALA A 176 -5.08 24.77 7.77
C ALA A 176 -4.45 25.68 8.81
N TYR A 177 -5.27 26.43 9.55
CA TYR A 177 -4.75 27.28 10.60
C TYR A 177 -4.87 26.58 11.95
N ASP A 178 -3.72 26.33 12.58
CA ASP A 178 -3.64 25.74 13.92
C ASP A 178 -3.82 26.85 14.95
N ARG A 179 -4.99 26.86 15.59
CA ARG A 179 -5.33 27.93 16.52
C ARG A 179 -4.45 27.89 17.76
N VAL A 180 -4.15 26.69 18.26
CA VAL A 180 -3.32 26.58 19.45
C VAL A 180 -1.94 27.19 19.20
N GLU A 181 -1.25 26.72 18.17
CA GLU A 181 0.12 27.14 17.93
C GLU A 181 0.23 28.44 17.13
N GLN A 182 -0.90 28.98 16.67
CA GLN A 182 -0.92 30.28 15.99
C GLN A 182 -0.16 30.23 14.67
N GLU A 183 -0.34 29.17 13.89
CA GLU A 183 0.45 29.01 12.67
C GLU A 183 -0.38 28.34 11.59
N TRP A 184 0.09 28.45 10.36
CA TRP A 184 -0.45 27.65 9.28
C TRP A 184 0.24 26.29 9.27
N VAL A 185 -0.49 25.26 8.88
CA VAL A 185 0.06 23.91 8.73
C VAL A 185 -0.51 23.27 7.47
N ALA A 186 0.23 22.28 6.96
CA ALA A 186 -0.25 21.43 5.89
C ALA A 186 -0.60 20.06 6.46
N ILE A 187 -1.86 19.66 6.31
CA ILE A 187 -2.35 18.37 6.80
C ILE A 187 -2.55 17.44 5.62
N LYS A 188 -1.86 16.32 5.67
CA LYS A 188 -1.93 15.28 4.65
C LYS A 188 -2.90 14.22 5.16
N ILE A 189 -4.03 14.06 4.46
CA ILE A 189 -5.06 13.09 4.83
C ILE A 189 -4.97 11.90 3.90
N ILE A 190 -4.64 10.73 4.47
CA ILE A 190 -4.37 9.54 3.69
C ILE A 190 -5.68 8.88 3.26
N LYS A 191 -5.75 8.52 1.98
CA LYS A 191 -6.84 7.73 1.43
C LYS A 191 -6.98 6.41 2.16
N ASN A 192 -8.23 5.99 2.39
CA ASN A 192 -8.50 4.80 3.19
C ASN A 192 -8.36 3.53 2.34
N LYS A 193 -7.12 3.32 1.87
CA LYS A 193 -6.68 2.14 1.15
C LYS A 193 -5.34 1.69 1.71
N LYS A 194 -5.17 0.37 1.80
CA LYS A 194 -4.02 -0.16 2.54
C LYS A 194 -2.69 0.22 1.91
N ALA A 195 -2.56 0.14 0.58
CA ALA A 195 -1.33 0.51 -0.08
C ALA A 195 -0.81 1.84 0.44
N PHE A 196 -1.68 2.83 0.51
CA PHE A 196 -1.31 4.18 0.91
C PHE A 196 -1.10 4.30 2.42
N LEU A 197 -1.86 3.54 3.20
CA LEU A 197 -1.70 3.55 4.66
C LEU A 197 -0.35 2.95 5.10
N ASN A 198 0.11 1.92 4.37
CA ASN A 198 1.44 1.34 4.58
C ASN A 198 2.58 2.35 4.41
N GLN A 199 2.56 3.09 3.31
CA GLN A 199 3.53 4.15 3.10
C GLN A 199 3.53 5.18 4.23
N ALA A 200 2.34 5.60 4.65
CA ALA A 200 2.22 6.67 5.64
C ALA A 200 2.75 6.23 7.00
N GLN A 201 2.60 4.94 7.32
CA GLN A 201 3.12 4.40 8.58
C GLN A 201 4.64 4.36 8.56
N ILE A 202 5.22 3.89 7.45
CA ILE A 202 6.67 4.01 7.25
C ILE A 202 7.13 5.46 7.37
N GLU A 203 6.44 6.38 6.68
CA GLU A 203 6.79 7.80 6.73
C GLU A 203 6.77 8.35 8.15
N VAL A 204 5.77 7.95 8.95
CA VAL A 204 5.66 8.47 10.31
C VAL A 204 6.79 7.95 11.17
N ARG A 205 7.06 6.63 11.07
CA ARG A 205 8.12 6.01 11.86
C ARG A 205 9.47 6.67 11.59
N LEU A 206 9.87 6.70 10.32
CA LEU A 206 11.16 7.23 9.93
C LEU A 206 11.30 8.72 10.27
N LEU A 207 10.21 9.49 10.19
CA LEU A 207 10.33 10.91 10.48
C LEU A 207 10.46 11.14 11.98
N GLU A 208 9.65 10.42 12.77
CA GLU A 208 9.72 10.46 14.23
C GLU A 208 11.10 10.06 14.74
N LEU A 209 11.72 9.08 14.09
CA LEU A 209 13.09 8.70 14.38
C LEU A 209 14.04 9.89 14.23
N MET A 210 13.91 10.64 13.11
CA MET A 210 14.76 11.80 12.87
C MET A 210 14.55 12.91 13.90
N ASN A 211 13.32 13.04 14.42
CA ASN A 211 13.02 14.14 15.35
C ASN A 211 13.77 14.01 16.66
N LYS A 212 14.27 12.83 16.99
CA LYS A 212 15.03 12.64 18.21
C LYS A 212 16.47 13.14 18.12
N HIS A 213 16.95 13.49 16.93
CA HIS A 213 18.36 13.84 16.74
C HIS A 213 18.59 15.34 16.87
N ASP A 214 19.67 15.70 17.57
CA ASP A 214 19.92 17.08 17.99
C ASP A 214 20.60 17.94 16.93
N THR A 215 21.12 17.36 15.86
CA THR A 215 21.86 18.17 14.89
C THR A 215 20.93 19.12 14.15
N GLU A 216 21.49 20.27 13.77
CA GLU A 216 20.77 21.21 12.90
C GLU A 216 20.73 20.73 11.47
N MET A 217 21.35 19.59 11.17
CA MET A 217 21.30 19.07 9.82
C MET A 217 19.88 18.64 9.45
N LYS A 218 19.08 18.22 10.45
CA LYS A 218 17.71 17.80 10.18
C LYS A 218 16.83 18.96 9.75
N TYR A 219 17.38 20.18 9.73
CA TYR A 219 16.67 21.32 9.16
C TYR A 219 16.53 21.25 7.65
N TYR A 220 17.07 20.23 7.00
CA TYR A 220 16.86 20.07 5.56
C TYR A 220 15.82 19.01 5.27
N ILE A 221 15.19 18.45 6.31
CA ILE A 221 14.06 17.53 6.19
C ILE A 221 12.80 18.24 6.68
N VAL A 222 11.68 18.00 6.00
CA VAL A 222 10.45 18.73 6.27
C VAL A 222 9.90 18.28 7.61
N HIS A 223 9.47 19.24 8.43
CA HIS A 223 9.19 18.94 9.83
C HIS A 223 7.82 18.28 10.02
N LEU A 224 7.82 17.07 10.58
CA LEU A 224 6.56 16.45 11.00
C LEU A 224 6.23 16.94 12.40
N LYS A 225 5.21 17.81 12.48
CA LYS A 225 4.75 18.31 13.77
C LYS A 225 4.06 17.21 14.58
N ARG A 226 3.11 16.49 14.00
CA ARG A 226 2.37 15.46 14.76
C ARG A 226 1.45 14.69 13.82
N HIS A 227 0.76 13.70 14.38
CA HIS A 227 -0.13 12.90 13.57
C HIS A 227 -1.20 12.31 14.45
N PHE A 228 -2.34 11.99 13.85
CA PHE A 228 -3.50 11.54 14.62
C PHE A 228 -4.48 10.84 13.70
N MET A 229 -5.59 10.41 14.31
CA MET A 229 -6.70 9.75 13.64
C MET A 229 -7.94 10.64 13.79
N PHE A 230 -8.42 11.17 12.68
CA PHE A 230 -9.60 12.02 12.69
C PHE A 230 -10.59 11.44 11.71
N ARG A 231 -11.83 11.26 12.15
CA ARG A 231 -12.90 10.70 11.32
C ARG A 231 -12.43 9.51 10.49
N ASN A 232 -11.80 8.55 11.19
CA ASN A 232 -11.37 7.27 10.61
C ASN A 232 -10.35 7.43 9.48
N HIS A 233 -9.49 8.44 9.58
CA HIS A 233 -8.49 8.74 8.56
C HIS A 233 -7.17 8.97 9.27
N LEU A 234 -6.07 8.59 8.64
CA LEU A 234 -4.76 8.95 9.19
C LEU A 234 -4.37 10.33 8.67
N CYS A 235 -3.91 11.20 9.58
CA CYS A 235 -3.55 12.56 9.22
C CYS A 235 -2.17 12.87 9.76
N LEU A 236 -1.28 13.35 8.90
CA LEU A 236 0.06 13.76 9.29
C LEU A 236 0.17 15.27 9.12
N VAL A 237 0.54 15.99 10.19
CA VAL A 237 0.57 17.46 10.21
C VAL A 237 2.03 17.94 10.07
N PHE A 238 2.33 18.66 8.98
CA PHE A 238 3.65 19.14 8.57
C PHE A 238 3.70 20.66 8.66
N GLU A 239 4.92 21.19 8.55
CA GLU A 239 5.09 22.62 8.36
C GLU A 239 4.72 22.98 6.92
N MET A 240 4.30 24.22 6.71
CA MET A 240 3.92 24.70 5.39
C MET A 240 5.10 25.31 4.64
N LEU A 241 5.38 24.80 3.44
CA LEU A 241 6.48 25.26 2.62
C LEU A 241 5.92 25.90 1.35
N SER A 242 6.78 26.13 0.37
CA SER A 242 6.43 26.99 -0.74
C SER A 242 6.26 26.21 -2.03
N TYR A 243 7.29 26.13 -2.88
CA TYR A 243 7.12 25.63 -4.24
C TYR A 243 8.23 24.64 -4.47
N ASN A 244 8.11 23.80 -5.49
CA ASN A 244 9.16 22.82 -5.63
C ASN A 244 10.12 23.22 -6.75
N LEU A 245 11.25 22.51 -6.82
CA LEU A 245 12.26 22.85 -7.81
C LEU A 245 11.78 22.59 -9.23
N TYR A 246 10.72 21.79 -9.42
CA TYR A 246 10.12 21.65 -10.75
C TYR A 246 9.30 22.89 -11.12
N ASP A 247 8.56 23.42 -10.16
CA ASP A 247 7.88 24.69 -10.35
C ASP A 247 8.86 25.78 -10.72
N LEU A 248 10.03 25.78 -10.08
CA LEU A 248 11.08 26.74 -10.40
C LEU A 248 11.59 26.56 -11.83
N LEU A 249 11.73 25.30 -12.28
CA LEU A 249 12.15 25.03 -13.65
C LEU A 249 11.09 25.51 -14.65
N ARG A 250 9.81 25.33 -14.31
CA ARG A 250 8.74 25.77 -15.19
C ARG A 250 8.63 27.29 -15.23
N ASN A 251 9.20 28.00 -14.27
CA ASN A 251 9.26 29.45 -14.37
C ASN A 251 10.44 29.93 -15.19
N THR A 252 11.53 29.16 -15.25
CA THR A 252 12.63 29.42 -16.18
C THR A 252 12.26 29.06 -17.61
N ASN A 253 11.05 28.56 -17.84
CA ASN A 253 10.63 27.98 -19.12
C ASN A 253 11.59 26.87 -19.50
N PHE A 254 11.99 26.11 -18.48
CA PHE A 254 12.89 24.98 -18.65
C PHE A 254 14.17 25.41 -19.38
N ARG A 255 14.77 26.52 -18.91
CA ARG A 255 16.07 26.93 -19.40
C ARG A 255 17.17 26.89 -18.35
N GLY A 256 16.85 26.76 -17.06
CA GLY A 256 17.77 26.47 -15.99
C GLY A 256 17.99 27.66 -15.05
N VAL A 257 18.53 27.37 -13.87
CA VAL A 257 18.96 28.40 -12.95
C VAL A 257 20.48 28.49 -13.02
N SER A 258 21.06 29.51 -12.38
CA SER A 258 22.49 29.74 -12.62
C SER A 258 23.33 28.70 -11.89
N LEU A 259 24.59 28.62 -12.29
CA LEU A 259 25.53 27.75 -11.61
C LEU A 259 25.70 28.16 -10.16
N ASN A 260 25.48 29.43 -9.84
CA ASN A 260 25.66 29.85 -8.47
C ASN A 260 24.51 29.34 -7.61
N LEU A 261 23.29 29.32 -8.16
CA LEU A 261 22.15 28.78 -7.44
C LEU A 261 22.25 27.26 -7.32
N THR A 262 22.54 26.57 -8.43
CA THR A 262 22.77 25.13 -8.37
C THR A 262 23.74 24.75 -7.27
N ARG A 263 24.78 25.56 -7.05
CA ARG A 263 25.76 25.24 -6.00
C ARG A 263 25.13 25.31 -4.62
N LYS A 264 24.35 26.37 -4.36
CA LYS A 264 23.61 26.49 -3.09
C LYS A 264 22.66 25.31 -2.89
N PHE A 265 21.86 24.99 -3.92
CA PHE A 265 21.01 23.80 -3.87
C PHE A 265 21.83 22.55 -3.58
N ALA A 266 23.00 22.41 -4.22
CA ALA A 266 23.82 21.20 -4.10
C ALA A 266 24.38 21.02 -2.70
N GLN A 267 24.86 22.11 -2.07
CA GLN A 267 25.43 22.01 -0.74
C GLN A 267 24.40 21.54 0.28
N GLN A 268 23.23 22.18 0.28
CA GLN A 268 22.10 21.80 1.12
C GLN A 268 21.71 20.34 0.95
N MET A 269 21.61 19.88 -0.32
CA MET A 269 21.19 18.50 -0.54
C MET A 269 22.24 17.50 -0.04
N CYS A 270 23.53 17.83 -0.18
CA CYS A 270 24.58 16.96 0.35
C CYS A 270 24.55 16.89 1.87
N THR A 271 24.27 18.02 2.52
CA THR A 271 24.11 17.97 3.96
C THR A 271 22.91 17.11 4.34
N ALA A 272 21.79 17.28 3.64
CA ALA A 272 20.63 16.42 3.85
C ALA A 272 21.00 14.95 3.76
N LEU A 273 21.80 14.58 2.75
CA LEU A 273 22.20 13.19 2.58
C LEU A 273 23.21 12.75 3.63
N LEU A 274 24.02 13.69 4.14
CA LEU A 274 24.91 13.38 5.26
C LEU A 274 24.11 13.02 6.50
N PHE A 275 23.09 13.83 6.83
CA PHE A 275 22.28 13.54 8.03
C PHE A 275 21.60 12.17 7.92
N LEU A 276 21.04 11.86 6.74
CA LEU A 276 20.31 10.61 6.55
C LEU A 276 21.18 9.37 6.72
N ALA A 277 22.48 9.46 6.42
CA ALA A 277 23.38 8.32 6.56
C ALA A 277 23.98 8.16 7.96
N THR A 278 23.63 9.00 8.94
CA THR A 278 24.06 8.73 10.30
C THR A 278 23.61 7.31 10.67
N PRO A 279 24.41 6.58 11.45
CA PRO A 279 24.19 5.12 11.56
C PRO A 279 22.87 4.70 12.19
N GLU A 280 22.45 5.37 13.25
CA GLU A 280 21.17 5.03 13.88
C GLU A 280 20.01 5.25 12.93
N LEU A 281 20.16 6.15 11.96
CA LEU A 281 19.09 6.44 10.99
C LEU A 281 19.20 5.52 9.77
N SER A 282 20.18 5.78 8.90
CA SER A 282 20.47 4.95 7.71
C SER A 282 19.27 4.84 6.78
N ILE A 283 18.71 5.99 6.44
CA ILE A 283 17.51 6.07 5.62
C ILE A 283 17.91 6.24 4.15
N ILE A 284 17.26 5.48 3.27
CA ILE A 284 17.31 5.72 1.84
C ILE A 284 15.98 6.35 1.44
N HIS A 285 16.03 7.48 0.71
CA HIS A 285 14.81 8.16 0.30
C HIS A 285 14.07 7.42 -0.80
N CYS A 286 14.78 7.05 -1.87
CA CYS A 286 14.29 6.19 -2.92
C CYS A 286 13.29 6.87 -3.86
N ASP A 287 13.10 8.18 -3.74
CA ASP A 287 12.28 8.90 -4.71
C ASP A 287 12.75 10.34 -4.86
N LEU A 288 14.05 10.55 -4.77
CA LEU A 288 14.58 11.88 -4.93
C LEU A 288 14.36 12.39 -6.36
N LYS A 289 13.67 13.51 -6.50
CA LYS A 289 13.46 14.17 -7.77
C LYS A 289 13.17 15.64 -7.51
N PRO A 290 13.09 16.48 -8.55
CA PRO A 290 12.84 17.91 -8.31
C PRO A 290 11.50 18.23 -7.65
N GLU A 291 10.46 17.42 -7.89
CA GLU A 291 9.15 17.64 -7.26
C GLU A 291 9.21 17.49 -5.74
N ASN A 292 10.13 16.66 -5.25
CA ASN A 292 10.22 16.29 -3.84
C ASN A 292 11.25 17.13 -3.09
N ILE A 293 11.73 18.20 -3.70
CA ILE A 293 12.56 19.20 -3.05
C ILE A 293 11.79 20.52 -3.07
N LEU A 294 11.68 21.16 -1.90
CA LEU A 294 10.77 22.29 -1.75
C LEU A 294 11.54 23.51 -1.21
N LEU A 295 11.12 24.68 -1.67
CA LEU A 295 11.68 25.93 -1.15
C LEU A 295 10.99 26.31 0.15
N CYS A 296 11.73 26.97 1.05
CA CYS A 296 11.05 27.47 2.24
C CYS A 296 10.29 28.74 1.94
N ASN A 297 10.99 29.75 1.41
CA ASN A 297 10.40 31.00 0.98
C ASN A 297 10.61 31.15 -0.53
N PRO A 298 9.66 31.76 -1.24
CA PRO A 298 9.79 31.91 -2.70
C PRO A 298 10.87 32.89 -3.14
N LYS A 299 11.36 33.73 -2.23
CA LYS A 299 12.38 34.70 -2.55
C LYS A 299 13.78 34.25 -2.12
N ARG A 300 13.93 33.01 -1.63
CA ARG A 300 15.14 32.58 -0.96
C ARG A 300 15.54 31.18 -1.40
N SER A 301 16.83 30.87 -1.26
CA SER A 301 17.42 29.65 -1.80
C SER A 301 17.36 28.45 -0.83
N ALA A 302 16.59 28.53 0.25
CA ALA A 302 16.58 27.46 1.24
C ALA A 302 15.61 26.36 0.85
N ILE A 303 16.05 25.12 1.03
CA ILE A 303 15.28 23.97 0.60
C ILE A 303 15.25 22.90 1.68
N LYS A 304 14.28 21.98 1.53
CA LYS A 304 13.98 20.85 2.39
C LYS A 304 13.48 19.70 1.52
N ILE A 305 13.65 18.44 2.01
CA ILE A 305 13.19 17.25 1.31
C ILE A 305 11.89 16.78 1.96
N VAL A 306 10.98 16.19 1.16
CA VAL A 306 9.60 16.05 1.62
C VAL A 306 8.98 14.65 1.50
N ASP A 307 9.33 13.75 0.60
CA ASP A 307 8.46 12.57 0.51
C ASP A 307 9.11 11.29 1.00
N PHE A 308 8.80 10.88 2.25
CA PHE A 308 9.50 9.73 2.82
C PHE A 308 8.66 8.46 2.86
N GLY A 309 7.55 8.43 2.14
CA GLY A 309 6.72 7.25 2.16
C GLY A 309 7.07 6.14 1.17
N SER A 310 8.07 6.35 0.31
CA SER A 310 8.65 5.26 -0.47
C SER A 310 10.04 4.88 0.08
N SER A 311 10.32 5.28 1.32
CA SER A 311 11.64 5.19 1.92
C SER A 311 11.86 3.87 2.66
N CYS A 312 13.13 3.58 2.92
CA CYS A 312 13.47 2.36 3.65
C CYS A 312 14.77 2.58 4.41
N GLN A 313 15.03 1.65 5.32
CA GLN A 313 16.23 1.68 6.13
C GLN A 313 17.13 0.57 5.63
N LEU A 314 18.42 0.84 5.60
CA LEU A 314 19.40 -0.21 5.35
C LEU A 314 19.15 -1.41 6.24
N GLY A 315 19.04 -2.59 5.62
CA GLY A 315 18.74 -3.77 6.38
C GLY A 315 17.27 -4.06 6.53
N GLN A 316 16.41 -3.25 5.92
CA GLN A 316 14.97 -3.47 5.80
C GLN A 316 14.54 -3.20 4.37
N ARG A 317 15.31 -3.76 3.43
CA ARG A 317 15.12 -3.54 2.00
C ARG A 317 14.45 -4.78 1.40
N ILE A 318 13.33 -4.55 0.72
CA ILE A 318 12.48 -5.68 0.35
C ILE A 318 12.02 -5.58 -1.11
N TYR A 319 12.30 -4.44 -1.75
CA TYR A 319 11.74 -4.11 -3.05
C TYR A 319 12.83 -3.91 -4.07
N GLN A 320 12.51 -4.12 -5.35
CA GLN A 320 13.52 -4.04 -6.39
C GLN A 320 13.22 -2.98 -7.48
N ILE A 322 12.36 0.51 -7.57
CA ILE A 322 12.24 1.44 -6.43
C ILE A 322 12.37 2.93 -6.71
N GLN A 323 12.99 3.36 -7.79
CA GLN A 323 13.13 4.82 -7.93
C GLN A 323 12.31 5.31 -9.12
N SER A 324 12.34 6.63 -9.40
CA SER A 324 11.70 7.14 -10.62
C SER A 324 12.59 6.92 -11.80
N ARG A 325 12.02 6.34 -12.86
CA ARG A 325 12.79 5.97 -14.04
C ARG A 325 13.92 6.96 -14.30
N PHE A 326 13.59 8.24 -14.58
CA PHE A 326 14.58 9.26 -14.92
C PHE A 326 15.74 9.36 -13.92
N TYR A 327 15.50 9.11 -12.62
CA TYR A 327 16.53 9.31 -11.60
C TYR A 327 17.01 7.98 -10.98
N ARG A 328 16.67 6.86 -11.62
CA ARG A 328 16.96 5.53 -11.11
C ARG A 328 18.40 5.14 -11.37
N SER A 329 19.03 4.50 -10.36
CA SER A 329 20.44 4.15 -10.42
C SER A 329 20.66 2.92 -11.29
N PRO A 330 21.87 2.76 -11.83
CA PRO A 330 22.18 1.57 -12.64
C PRO A 330 22.12 0.28 -11.85
N GLU A 331 22.52 0.32 -10.57
CA GLU A 331 22.46 -0.89 -9.76
C GLU A 331 21.02 -1.36 -9.59
N VAL A 332 20.07 -0.42 -9.52
CA VAL A 332 18.65 -0.78 -9.47
C VAL A 332 18.16 -1.26 -10.85
N LEU A 333 18.53 -0.57 -11.92
CA LEU A 333 18.18 -1.03 -13.26
C LEU A 333 18.62 -2.46 -13.50
N LEU A 334 19.76 -2.86 -12.93
CA LEU A 334 20.37 -4.16 -13.20
C LEU A 334 19.97 -5.25 -12.21
N GLY A 335 19.07 -4.96 -11.28
CA GLY A 335 18.65 -5.96 -10.33
C GLY A 335 19.68 -6.35 -9.29
N MET A 336 20.65 -5.48 -8.99
CA MET A 336 21.71 -5.85 -8.05
C MET A 336 21.38 -5.36 -6.63
N PRO A 337 22.22 -5.65 -5.63
CA PRO A 337 22.02 -5.05 -4.31
C PRO A 337 22.18 -3.55 -4.39
N TYR A 338 21.55 -2.84 -3.44
CA TYR A 338 21.60 -1.38 -3.40
C TYR A 338 21.71 -0.83 -1.98
N ASP A 339 22.16 0.42 -1.88
CA ASP A 339 22.31 1.07 -0.57
C ASP A 339 21.98 2.55 -0.74
N LEU A 340 22.51 3.38 0.16
CA LEU A 340 22.30 4.82 0.20
C LEU A 340 23.01 5.54 -0.95
N ALA A 341 23.85 4.84 -1.69
CA ALA A 341 24.48 5.42 -2.86
C ALA A 341 23.48 5.75 -3.97
N ILE A 342 22.32 5.06 -4.00
CA ILE A 342 21.35 5.29 -5.08
C ILE A 342 20.80 6.72 -5.02
N ASP A 343 20.74 7.30 -3.81
CA ASP A 343 20.32 8.69 -3.63
C ASP A 343 21.33 9.66 -4.23
N MET A 344 22.61 9.28 -4.27
CA MET A 344 23.61 10.16 -4.84
C MET A 344 23.52 10.18 -6.37
N TRP A 345 23.33 9.01 -7.00
CA TRP A 345 23.01 8.97 -8.42
C TRP A 345 21.92 9.98 -8.77
N SER A 346 20.82 9.97 -7.99
CA SER A 346 19.72 10.90 -8.19
C SER A 346 20.16 12.36 -8.12
N LEU A 347 20.98 12.70 -7.10
CA LEU A 347 21.48 14.06 -6.93
C LEU A 347 22.24 14.54 -8.14
N GLY A 348 23.12 13.69 -8.69
CA GLY A 348 23.81 14.04 -9.91
C GLY A 348 22.85 14.32 -11.05
N CYS A 349 21.81 13.49 -11.18
CA CYS A 349 20.82 13.66 -12.26
C CYS A 349 19.98 14.93 -12.07
N ILE A 350 19.79 15.34 -10.83
CA ILE A 350 18.99 16.51 -10.53
C ILE A 350 19.81 17.78 -10.65
N LEU A 351 21.06 17.75 -10.19
CA LEU A 351 21.89 18.96 -10.27
C LEU A 351 22.11 19.38 -11.72
N VAL A 352 22.22 18.41 -12.65
CA VAL A 352 22.41 18.75 -14.06
C VAL A 352 21.11 19.30 -14.66
N GLU A 353 19.97 18.80 -14.21
CA GLU A 353 18.69 19.32 -14.66
C GLU A 353 18.39 20.73 -14.12
N MET A 354 18.84 21.05 -12.90
CA MET A 354 18.58 22.40 -12.40
C MET A 354 19.33 23.47 -13.20
N HIS A 355 20.47 23.13 -13.79
CA HIS A 355 21.22 24.10 -14.58
C HIS A 355 20.83 24.13 -16.06
N THR A 356 20.44 23.00 -16.67
CA THR A 356 20.05 23.01 -18.08
C THR A 356 18.56 23.21 -18.26
N GLY A 357 17.76 22.92 -17.25
CA GLY A 357 16.32 22.97 -17.36
C GLY A 357 15.67 21.68 -17.82
N GLU A 358 16.44 20.72 -18.33
CA GLU A 358 15.93 19.50 -18.94
C GLU A 358 16.46 18.26 -18.21
N PRO A 359 15.66 17.18 -18.15
CA PRO A 359 16.17 15.88 -17.66
C PRO A 359 17.38 15.33 -18.40
N LEU A 360 18.31 14.76 -17.63
CA LEU A 360 19.53 14.20 -18.20
C LEU A 360 19.26 12.89 -18.91
N PHE A 361 18.61 11.93 -18.23
CA PHE A 361 18.37 10.58 -18.76
C PHE A 361 16.86 10.36 -18.77
N SER A 362 16.17 10.81 -19.83
CA SER A 362 14.71 10.83 -19.84
C SER A 362 14.13 9.64 -20.60
N GLY A 363 14.23 8.46 -19.99
CA GLY A 363 13.85 7.24 -20.69
C GLY A 363 12.37 6.90 -20.58
N ALA A 364 11.85 6.27 -21.62
CA ALA A 364 10.44 5.97 -21.63
C ALA A 364 10.13 4.66 -20.92
N ASN A 365 11.08 3.73 -20.91
CA ASN A 365 10.96 2.49 -20.17
C ASN A 365 12.33 2.15 -19.64
N GLU A 366 12.46 0.99 -19.00
CA GLU A 366 13.74 0.62 -18.42
C GLU A 366 14.82 0.42 -19.48
N VAL A 367 14.48 0.04 -20.71
CA VAL A 367 15.52 -0.18 -21.72
C VAL A 367 15.92 1.12 -22.42
N ASP A 368 14.95 1.99 -22.71
CA ASP A 368 15.28 3.34 -23.14
C ASP A 368 16.02 4.10 -22.02
N GLN A 369 15.73 3.81 -20.74
CA GLN A 369 16.43 4.48 -19.64
C GLN A 369 17.91 4.09 -19.60
N MET A 370 18.21 2.80 -19.48
CA MET A 370 19.58 2.31 -19.58
C MET A 370 20.30 2.84 -20.84
N ASN A 371 19.63 2.76 -22.00
CA ASN A 371 20.27 3.22 -23.24
C ASN A 371 20.64 4.69 -23.19
N LYS A 372 19.78 5.53 -22.61
CA LYS A 372 20.10 6.95 -22.45
C LYS A 372 21.31 7.15 -21.55
N ILE A 373 21.40 6.36 -20.47
CA ILE A 373 22.58 6.40 -19.62
C ILE A 373 23.83 5.96 -20.38
N VAL A 374 23.70 4.96 -21.26
CA VAL A 374 24.91 4.42 -21.91
C VAL A 374 25.51 5.42 -22.90
N GLU A 375 24.68 6.26 -23.54
CA GLU A 375 25.18 7.24 -24.49
C GLU A 375 26.12 8.23 -23.82
N VAL A 376 25.81 8.63 -22.59
CA VAL A 376 26.61 9.62 -21.88
C VAL A 376 27.79 8.98 -21.16
N LEU A 377 27.57 7.83 -20.51
CA LEU A 377 28.60 7.25 -19.66
C LEU A 377 29.28 6.03 -20.25
N GLY A 378 28.68 5.38 -21.25
CA GLY A 378 29.28 4.24 -21.92
C GLY A 378 28.82 2.91 -21.34
N ILE A 379 29.38 1.84 -21.91
CA ILE A 379 29.05 0.50 -21.43
C ILE A 379 29.52 0.35 -19.98
N PRO A 380 28.69 -0.12 -19.07
CA PRO A 380 29.10 -0.35 -17.66
C PRO A 380 30.33 -1.25 -17.58
N PRO A 381 31.07 -1.20 -16.47
CA PRO A 381 32.23 -2.08 -16.28
C PRO A 381 31.85 -3.56 -16.39
N ALA A 382 32.86 -4.37 -16.70
CA ALA A 382 32.61 -5.81 -16.87
C ALA A 382 32.39 -6.51 -15.55
N HIS A 383 33.21 -6.21 -14.53
CA HIS A 383 33.00 -6.90 -13.26
C HIS A 383 31.61 -6.64 -12.70
N ILE A 384 31.01 -5.50 -13.04
CA ILE A 384 29.64 -5.22 -12.63
C ILE A 384 28.64 -6.00 -13.46
N LEU A 385 28.76 -5.91 -14.78
CA LEU A 385 27.78 -6.56 -15.65
C LEU A 385 27.83 -8.08 -15.47
N ASP A 386 29.03 -8.61 -15.23
CA ASP A 386 29.18 -10.04 -15.07
C ASP A 386 28.41 -10.56 -13.85
N GLN A 387 28.27 -9.75 -12.80
CA GLN A 387 27.53 -10.15 -11.61
C GLN A 387 26.08 -9.65 -11.56
N ALA A 388 25.54 -9.09 -12.66
CA ALA A 388 24.29 -8.37 -12.58
C ALA A 388 23.12 -9.24 -13.05
N PRO A 389 22.17 -9.58 -12.17
CA PRO A 389 21.06 -10.46 -12.58
C PRO A 389 20.36 -10.06 -13.87
N LYS A 390 19.97 -8.80 -14.03
CA LYS A 390 19.20 -8.40 -15.21
C LYS A 390 20.07 -7.89 -16.37
N ALA A 391 21.35 -8.30 -16.43
CA ALA A 391 22.25 -7.80 -17.48
C ALA A 391 21.71 -8.07 -18.89
N ARG A 392 21.19 -9.27 -19.14
CA ARG A 392 20.78 -9.64 -20.48
C ARG A 392 19.41 -9.10 -20.86
N LYS A 393 18.83 -8.22 -20.04
CA LYS A 393 17.68 -7.44 -20.50
C LYS A 393 18.12 -6.21 -21.29
N PHE A 394 19.41 -5.86 -21.22
CA PHE A 394 19.95 -4.63 -21.79
C PHE A 394 21.14 -4.89 -22.69
N PHE A 395 21.94 -5.92 -22.39
CA PHE A 395 23.21 -6.13 -23.06
C PHE A 395 23.30 -7.58 -23.53
N GLU A 396 24.35 -7.84 -24.31
CA GLU A 396 24.69 -9.17 -24.79
C GLU A 396 26.16 -9.15 -25.14
N LYS A 397 26.74 -10.32 -25.32
CA LYS A 397 28.15 -10.42 -25.63
C LYS A 397 28.33 -10.56 -27.14
N LEU A 398 29.43 -10.01 -27.65
CA LEU A 398 29.82 -10.10 -29.05
C LEU A 398 30.80 -11.27 -29.23
N PRO A 399 31.11 -11.65 -30.48
CA PRO A 399 31.97 -12.84 -30.68
C PRO A 399 33.38 -12.75 -30.07
N ASP A 400 33.80 -11.61 -29.50
CA ASP A 400 35.06 -11.53 -28.75
C ASP A 400 34.86 -11.61 -27.25
N GLY A 401 33.61 -11.72 -26.79
CA GLY A 401 33.31 -11.82 -25.38
C GLY A 401 32.98 -10.52 -24.68
N THR A 402 33.25 -9.37 -25.30
CA THR A 402 33.01 -8.10 -24.63
C THR A 402 31.53 -7.75 -24.64
N TRP A 403 31.12 -6.92 -23.67
CA TRP A 403 29.72 -6.61 -23.49
C TRP A 403 29.29 -5.51 -24.45
N SER A 404 28.06 -5.61 -24.97
CA SER A 404 27.55 -4.48 -25.74
C SER A 404 26.02 -4.52 -25.73
N LEU A 405 25.43 -3.44 -26.20
CA LEU A 405 23.99 -3.32 -26.22
C LEU A 405 23.36 -4.32 -27.19
N LYS A 406 22.06 -4.55 -27.03
CA LYS A 406 21.30 -5.43 -27.92
C LYS A 406 20.32 -4.58 -28.74
N LYS A 407 20.72 -4.21 -29.95
CA LYS A 407 19.88 -3.40 -30.83
C LYS A 407 19.49 -2.07 -30.16
N GLU A 414 19.18 4.31 -33.75
CA GLU A 414 18.24 4.98 -32.86
C GLU A 414 18.92 5.72 -31.71
N TYR A 415 19.91 5.08 -31.07
CA TYR A 415 20.71 5.69 -30.00
C TYR A 415 22.10 6.04 -30.51
N LYS A 416 22.66 7.13 -30.00
CA LYS A 416 24.05 7.46 -30.30
C LYS A 416 25.00 6.36 -29.80
N PRO A 417 26.26 6.35 -30.20
CA PRO A 417 27.22 5.35 -29.69
C PRO A 417 27.52 5.57 -28.21
N PRO A 418 27.92 4.52 -27.50
CA PRO A 418 28.29 4.67 -26.08
C PRO A 418 29.39 5.70 -25.87
N GLY A 419 29.14 6.60 -24.92
CA GLY A 419 30.11 7.61 -24.55
C GLY A 419 30.16 8.84 -25.45
N THR A 420 29.34 8.90 -26.51
CA THR A 420 29.44 9.97 -27.51
C THR A 420 28.57 11.18 -27.20
N ARG A 421 27.60 11.06 -26.28
CA ARG A 421 26.91 12.22 -25.74
C ARG A 421 27.66 12.64 -24.47
N LYS A 422 28.45 13.70 -24.58
CA LYS A 422 29.43 14.03 -23.55
C LYS A 422 28.87 15.09 -22.60
N LEU A 423 28.88 14.77 -21.31
CA LEU A 423 28.59 15.78 -20.30
C LEU A 423 29.39 17.06 -20.56
N HIS A 424 30.62 16.93 -21.06
CA HIS A 424 31.43 18.11 -21.37
C HIS A 424 30.71 19.06 -22.32
N ASN A 425 29.89 18.50 -23.23
CA ASN A 425 29.10 19.31 -24.15
C ASN A 425 27.72 19.68 -23.61
N ILE A 426 27.03 18.76 -22.93
CA ILE A 426 25.72 19.06 -22.35
C ILE A 426 25.77 20.32 -21.48
N LEU A 427 26.85 20.49 -20.71
CA LEU A 427 26.96 21.65 -19.81
C LEU A 427 27.55 22.87 -20.48
N GLY A 428 28.24 22.71 -21.59
CA GLY A 428 28.82 23.83 -22.31
C GLY A 428 30.09 24.43 -21.74
N VAL A 429 30.92 23.59 -21.09
CA VAL A 429 32.19 24.00 -20.48
C VAL A 429 32.87 25.08 -21.31
N GLU A 430 32.93 24.89 -22.63
CA GLU A 430 33.67 25.74 -23.54
C GLU A 430 32.84 26.61 -24.44
N THR A 431 31.51 26.46 -24.40
CA THR A 431 30.64 27.04 -25.42
C THR A 431 29.60 27.98 -24.83
N GLY A 432 29.85 28.50 -23.63
CA GLY A 432 28.95 29.45 -23.02
C GLY A 432 27.86 28.87 -22.12
N GLY A 433 28.03 27.65 -21.59
CA GLY A 433 27.05 27.02 -20.76
C GLY A 433 26.04 26.25 -21.56
N PRO A 434 24.95 25.78 -20.91
CA PRO A 434 23.90 25.05 -21.66
C PRO A 434 23.34 25.89 -22.81
N GLY A 435 23.43 25.37 -24.04
CA GLY A 435 22.96 26.08 -25.21
C GLY A 435 23.50 27.49 -25.32
N GLY A 436 24.71 27.74 -24.81
CA GLY A 436 25.41 29.00 -24.89
C GLY A 436 24.77 30.18 -24.18
N ARG A 437 23.74 29.95 -23.37
CA ARG A 437 22.97 31.03 -22.77
C ARG A 437 23.65 31.71 -21.60
N ARG A 438 24.80 31.23 -21.14
CA ARG A 438 25.48 31.84 -20.00
C ARG A 438 26.77 32.51 -20.42
N ALA A 439 26.92 32.82 -21.70
CA ALA A 439 28.16 33.39 -22.19
C ALA A 439 28.37 34.77 -21.61
N GLY A 440 29.51 34.96 -20.94
CA GLY A 440 29.86 36.24 -20.38
C GLY A 440 29.33 36.50 -18.99
N GLU A 441 28.53 35.60 -18.43
CA GLU A 441 28.02 35.81 -17.08
C GLU A 441 29.09 35.48 -16.03
N SER A 442 28.82 35.86 -14.79
CA SER A 442 29.78 35.70 -13.71
C SER A 442 29.67 34.33 -13.06
N GLY A 443 30.80 33.83 -12.55
CA GLY A 443 30.80 32.51 -11.97
C GLY A 443 30.50 31.38 -12.92
N HIS A 444 30.39 31.67 -14.23
CA HIS A 444 30.14 30.73 -15.31
C HIS A 444 31.35 30.57 -16.22
N THR A 445 32.54 30.48 -15.64
CA THR A 445 33.78 30.39 -16.41
C THR A 445 34.05 28.94 -16.83
N VAL A 446 35.08 28.79 -17.67
CA VAL A 446 35.52 27.46 -18.10
C VAL A 446 36.01 26.65 -16.90
N ALA A 447 36.54 27.34 -15.89
CA ALA A 447 37.09 26.62 -14.74
C ALA A 447 36.01 26.28 -13.72
N ASP A 448 35.03 27.16 -13.56
CA ASP A 448 33.83 26.81 -12.82
C ASP A 448 33.15 25.60 -13.42
N TYR A 449 33.03 25.57 -14.75
CA TYR A 449 32.35 24.48 -15.44
C TYR A 449 33.17 23.20 -15.43
N LEU A 450 34.50 23.32 -15.26
CA LEU A 450 35.31 22.11 -15.16
C LEU A 450 35.15 21.46 -13.78
N LYS A 451 35.07 22.28 -12.74
CA LYS A 451 34.81 21.78 -11.39
C LYS A 451 33.42 21.19 -11.26
N PHE A 452 32.42 21.77 -11.95
CA PHE A 452 31.07 21.22 -11.88
C PHE A 452 31.00 19.84 -12.53
N LYS A 453 31.67 19.68 -13.69
CA LYS A 453 31.72 18.38 -14.37
C LYS A 453 32.37 17.31 -13.49
N ASP A 454 33.48 17.65 -12.83
CA ASP A 454 34.16 16.68 -11.98
C ASP A 454 33.25 16.13 -10.90
N LEU A 455 32.54 17.03 -10.18
CA LEU A 455 31.65 16.55 -9.12
C LEU A 455 30.52 15.70 -9.69
N ILE A 456 29.87 16.16 -10.76
CA ILE A 456 28.78 15.35 -11.31
C ILE A 456 29.28 13.97 -11.75
N LEU A 457 30.47 13.90 -12.34
CA LEU A 457 30.98 12.60 -12.78
C LEU A 457 31.36 11.72 -11.60
N ARG A 458 31.56 12.31 -10.42
CA ARG A 458 31.83 11.54 -9.21
C ARG A 458 30.54 11.01 -8.59
N MET A 459 29.44 11.75 -8.77
CA MET A 459 28.13 11.27 -8.38
C MET A 459 27.57 10.23 -9.35
N LEU A 460 28.08 10.17 -10.58
CA LEU A 460 27.55 9.28 -11.60
C LEU A 460 28.48 8.09 -11.87
N ASP A 461 29.35 7.78 -10.90
CA ASP A 461 30.13 6.54 -10.90
C ASP A 461 29.21 5.35 -11.05
N TYR A 462 29.51 4.47 -12.02
CA TYR A 462 28.78 3.21 -12.13
C TYR A 462 28.88 2.39 -10.85
N ASP A 463 30.09 2.15 -10.36
CA ASP A 463 30.31 1.38 -9.13
C ASP A 463 29.84 2.12 -7.90
N PRO A 464 28.77 1.66 -7.23
CA PRO A 464 28.31 2.34 -6.01
C PRO A 464 29.29 2.25 -4.86
N LYS A 465 30.35 1.44 -4.99
CA LYS A 465 31.37 1.34 -3.96
C LYS A 465 32.33 2.53 -4.01
N THR A 466 32.58 3.07 -5.20
CA THR A 466 33.49 4.17 -5.37
C THR A 466 32.78 5.47 -5.73
N ARG A 467 31.44 5.46 -5.84
CA ARG A 467 30.69 6.69 -6.01
C ARG A 467 30.89 7.59 -4.79
N ILE A 468 30.99 8.91 -5.02
CA ILE A 468 31.25 9.86 -3.94
C ILE A 468 30.12 9.84 -2.89
N GLN A 469 30.52 10.09 -1.59
CA GLN A 469 29.72 10.07 -0.36
C GLN A 469 29.52 11.51 0.14
N PRO A 470 28.39 11.82 0.82
CA PRO A 470 28.09 13.22 1.13
C PRO A 470 29.21 14.02 1.78
N TYR A 471 29.89 13.45 2.77
CA TYR A 471 30.94 14.22 3.43
C TYR A 471 32.06 14.61 2.45
N TYR A 472 32.56 13.65 1.68
CA TYR A 472 33.67 13.98 0.78
C TYR A 472 33.24 14.82 -0.40
N ALA A 473 31.94 14.79 -0.74
CA ALA A 473 31.41 15.66 -1.78
C ALA A 473 31.36 17.11 -1.30
N LEU A 474 30.89 17.34 -0.07
CA LEU A 474 30.94 18.68 0.49
C LEU A 474 32.34 19.28 0.46
N GLN A 475 33.37 18.49 0.19
CA GLN A 475 34.74 18.95 0.20
C GLN A 475 35.33 19.16 -1.20
N HIS A 476 34.51 19.06 -2.25
CA HIS A 476 34.95 19.25 -3.62
C HIS A 476 35.30 20.72 -3.90
N SER A 477 36.12 20.93 -4.95
CA SER A 477 36.53 22.29 -5.34
C SER A 477 35.37 23.15 -5.75
N PHE A 478 34.29 22.52 -6.26
CA PHE A 478 33.07 23.21 -6.65
C PHE A 478 32.56 24.15 -5.55
N PHE A 479 32.71 23.75 -4.29
CA PHE A 479 32.18 24.43 -3.12
C PHE A 479 33.15 25.46 -2.53
N LYS A 480 34.37 25.57 -3.03
CA LYS A 480 35.37 26.42 -2.42
C LYS A 480 35.36 27.85 -2.96
N TYR B 136 0.11 4.68 -22.89
CA TYR B 136 0.99 4.38 -21.77
C TYR B 136 1.44 2.92 -21.82
N ASN B 137 2.71 2.69 -21.48
CA ASN B 137 3.32 1.36 -21.63
C ASN B 137 3.27 0.91 -23.08
N ASP B 138 3.62 1.81 -24.00
CA ASP B 138 3.57 1.53 -25.44
C ASP B 138 2.17 1.17 -25.88
N GLY B 139 1.18 1.95 -25.45
CA GLY B 139 -0.19 1.68 -25.86
C GLY B 139 -0.83 0.48 -25.19
N TYR B 140 -0.25 0.02 -24.07
CA TYR B 140 -0.71 -1.17 -23.38
C TYR B 140 -1.48 -0.86 -22.11
N ASP B 141 -1.31 0.36 -21.55
CA ASP B 141 -1.97 0.74 -20.30
C ASP B 141 -3.00 1.83 -20.55
N ASP B 142 -4.11 1.82 -19.79
CA ASP B 142 -5.00 2.98 -19.84
C ASP B 142 -4.45 4.15 -18.96
N ASN B 144 -5.43 5.13 -15.93
CA ASN B 144 -5.64 4.51 -14.62
C ASN B 144 -4.70 3.33 -14.32
N TYR B 145 -3.61 3.22 -15.07
CA TYR B 145 -2.53 2.23 -14.88
C TYR B 145 -2.95 0.79 -15.15
N ASP B 146 -4.10 0.55 -15.79
CA ASP B 146 -4.56 -0.79 -16.06
C ASP B 146 -4.19 -1.24 -17.47
N TYR B 147 -3.93 -2.55 -17.59
CA TYR B 147 -3.65 -3.18 -18.88
C TYR B 147 -4.92 -3.20 -19.73
N ILE B 148 -4.78 -2.92 -21.03
CA ILE B 148 -5.92 -2.92 -21.95
C ILE B 148 -6.14 -4.35 -22.46
N VAL B 149 -7.06 -5.07 -21.80
CA VAL B 149 -7.29 -6.48 -22.08
C VAL B 149 -7.80 -6.63 -23.50
N LYS B 150 -7.16 -7.53 -24.27
CA LYS B 150 -7.62 -7.93 -25.61
C LYS B 150 -8.13 -9.36 -25.48
N ASN B 151 -9.46 -9.53 -25.52
CA ASN B 151 -10.03 -10.87 -25.66
C ASN B 151 -9.37 -11.59 -26.84
N GLY B 152 -8.75 -12.73 -26.56
CA GLY B 152 -8.13 -13.54 -27.59
C GLY B 152 -6.62 -13.41 -27.68
N GLU B 153 -6.02 -12.43 -26.98
CA GLU B 153 -4.56 -12.33 -26.88
C GLU B 153 -3.94 -13.59 -26.29
N LYS B 154 -2.71 -13.89 -26.72
CA LYS B 154 -1.94 -15.03 -26.24
C LYS B 154 -0.66 -14.52 -25.57
N TRP B 155 -0.36 -15.02 -24.36
CA TRP B 155 0.80 -14.60 -23.56
C TRP B 155 1.82 -15.73 -23.50
N MET B 156 3.08 -15.40 -23.75
CA MET B 156 4.18 -16.35 -24.04
C MET B 156 3.67 -17.22 -25.18
N ASP B 157 3.82 -18.52 -25.11
CA ASP B 157 3.04 -19.39 -25.97
C ASP B 157 2.25 -20.34 -25.13
N ARG B 158 1.53 -19.75 -24.17
CA ARG B 158 1.03 -20.56 -23.07
C ARG B 158 -0.41 -20.17 -22.72
N TYR B 159 -0.62 -18.90 -22.36
CA TYR B 159 -1.91 -18.43 -21.86
C TYR B 159 -2.73 -17.81 -22.99
N GLU B 160 -4.00 -18.21 -23.08
CA GLU B 160 -4.97 -17.64 -24.03
C GLU B 160 -6.01 -16.86 -23.22
N ILE B 161 -6.12 -15.55 -23.47
CA ILE B 161 -6.96 -14.71 -22.62
C ILE B 161 -8.39 -14.69 -23.14
N ASP B 162 -9.33 -15.16 -22.31
CA ASP B 162 -10.74 -15.16 -22.67
C ASP B 162 -11.39 -13.79 -22.43
N SER B 163 -11.59 -13.40 -21.16
CA SER B 163 -12.25 -12.12 -20.87
C SER B 163 -11.87 -11.58 -19.50
N LEU B 164 -12.27 -10.33 -19.27
CA LEU B 164 -12.19 -9.68 -17.96
C LEU B 164 -13.31 -10.18 -17.06
N ILE B 165 -12.97 -10.64 -15.86
CA ILE B 165 -13.99 -11.15 -14.93
C ILE B 165 -14.03 -10.38 -13.62
N GLY B 166 -13.21 -9.35 -13.45
CA GLY B 166 -13.21 -8.61 -12.21
C GLY B 166 -12.33 -7.38 -12.28
N LYS B 167 -12.79 -6.27 -11.68
CA LYS B 167 -12.01 -5.04 -11.54
C LYS B 167 -11.92 -4.69 -10.06
N GLY B 168 -10.75 -4.16 -9.63
CA GLY B 168 -10.53 -3.76 -8.25
C GLY B 168 -9.62 -2.54 -8.17
N SER B 169 -9.27 -2.15 -6.93
CA SER B 169 -8.26 -1.10 -6.77
C SER B 169 -6.87 -1.58 -7.16
N PHE B 170 -6.59 -2.86 -6.90
CA PHE B 170 -5.33 -3.48 -7.32
C PHE B 170 -5.16 -3.47 -8.82
N GLY B 171 -6.26 -3.42 -9.58
CA GLY B 171 -6.25 -3.64 -11.01
C GLY B 171 -7.34 -4.59 -11.48
N GLN B 172 -6.98 -5.66 -12.20
CA GLN B 172 -7.96 -6.48 -12.90
C GLN B 172 -7.73 -7.97 -12.67
N VAL B 173 -8.77 -8.74 -13.01
CA VAL B 173 -8.72 -10.20 -13.02
C VAL B 173 -9.36 -10.69 -14.32
N VAL B 174 -8.63 -11.51 -15.08
CA VAL B 174 -9.12 -12.12 -16.31
C VAL B 174 -9.18 -13.64 -16.17
N LYS B 175 -10.09 -14.23 -16.92
CA LYS B 175 -10.15 -15.67 -17.13
C LYS B 175 -9.22 -16.05 -18.28
N ALA B 176 -8.48 -17.14 -18.13
CA ALA B 176 -7.58 -17.53 -19.19
C ALA B 176 -7.48 -19.04 -19.23
N TYR B 177 -6.97 -19.55 -20.34
CA TYR B 177 -6.71 -20.98 -20.51
C TYR B 177 -5.22 -21.19 -20.62
N ASP B 178 -4.69 -22.04 -19.77
CA ASP B 178 -3.28 -22.40 -19.77
C ASP B 178 -3.09 -23.66 -20.61
N ARG B 179 -2.27 -23.56 -21.66
CA ARG B 179 -2.08 -24.65 -22.62
C ARG B 179 -1.06 -25.69 -22.15
N VAL B 180 -0.08 -25.28 -21.34
CA VAL B 180 0.92 -26.22 -20.84
C VAL B 180 0.30 -27.16 -19.83
N GLU B 181 -0.68 -26.68 -19.07
CA GLU B 181 -1.32 -27.46 -18.03
C GLU B 181 -2.71 -27.88 -18.43
N GLN B 182 -3.13 -27.50 -19.63
CA GLN B 182 -4.47 -27.81 -20.14
C GLN B 182 -5.52 -27.53 -19.05
N GLU B 183 -5.67 -26.25 -18.69
CA GLU B 183 -6.65 -25.92 -17.65
C GLU B 183 -7.01 -24.45 -17.73
N TRP B 184 -8.17 -24.12 -17.20
CA TRP B 184 -8.61 -22.75 -17.08
C TRP B 184 -8.05 -22.16 -15.80
N VAL B 185 -7.64 -20.90 -15.85
CA VAL B 185 -6.98 -20.26 -14.72
C VAL B 185 -7.50 -18.83 -14.62
N ALA B 186 -7.23 -18.21 -13.48
CA ALA B 186 -7.59 -16.82 -13.24
C ALA B 186 -6.33 -16.00 -13.00
N ILE B 187 -6.14 -14.95 -13.79
CA ILE B 187 -4.93 -14.14 -13.70
C ILE B 187 -5.26 -12.76 -13.13
N LYS B 188 -4.59 -12.42 -12.04
CA LYS B 188 -4.74 -11.13 -11.39
C LYS B 188 -3.66 -10.20 -11.95
N ILE B 189 -4.09 -9.19 -12.72
CA ILE B 189 -3.19 -8.22 -13.34
C ILE B 189 -3.15 -6.96 -12.48
N ILE B 190 -2.00 -6.74 -11.82
CA ILE B 190 -1.85 -5.62 -10.88
C ILE B 190 -1.50 -4.36 -11.63
N LYS B 191 -1.99 -3.24 -11.11
CA LYS B 191 -1.77 -1.97 -11.77
C LYS B 191 -0.30 -1.69 -11.91
N ASN B 192 0.04 -0.92 -12.95
CA ASN B 192 1.41 -0.43 -13.16
C ASN B 192 1.62 0.83 -12.31
N LYS B 193 1.74 0.61 -11.01
CA LYS B 193 2.00 1.64 -10.02
C LYS B 193 2.61 1.00 -8.79
N LYS B 194 3.66 1.62 -8.25
CA LYS B 194 4.50 0.89 -7.30
C LYS B 194 3.77 0.61 -5.98
N ALA B 195 2.86 1.47 -5.53
CA ALA B 195 2.16 1.17 -4.29
C ALA B 195 1.36 -0.12 -4.42
N PHE B 196 0.73 -0.34 -5.58
CA PHE B 196 -0.09 -1.51 -5.77
C PHE B 196 0.75 -2.75 -6.06
N LEU B 197 1.85 -2.58 -6.81
CA LEU B 197 2.84 -3.65 -6.93
C LEU B 197 3.33 -4.11 -5.56
N ASN B 198 3.71 -3.15 -4.70
CA ASN B 198 4.35 -3.51 -3.44
C ASN B 198 3.36 -4.17 -2.48
N GLN B 199 2.07 -3.79 -2.51
CA GLN B 199 1.07 -4.57 -1.78
C GLN B 199 1.02 -6.01 -2.27
N ALA B 200 0.99 -6.19 -3.60
CA ALA B 200 0.84 -7.51 -4.20
C ALA B 200 2.04 -8.39 -3.91
N GLN B 201 3.23 -7.80 -3.77
CA GLN B 201 4.41 -8.58 -3.43
C GLN B 201 4.31 -9.13 -2.03
N ILE B 202 3.77 -8.33 -1.10
CA ILE B 202 3.48 -8.84 0.24
C ILE B 202 2.50 -10.00 0.14
N GLU B 203 1.46 -9.85 -0.70
CA GLU B 203 0.48 -10.91 -0.93
C GLU B 203 1.11 -12.21 -1.43
N VAL B 204 2.16 -12.10 -2.25
CA VAL B 204 2.80 -13.32 -2.73
C VAL B 204 3.60 -13.97 -1.60
N ARG B 205 4.22 -13.14 -0.75
CA ARG B 205 4.95 -13.65 0.41
C ARG B 205 4.07 -14.52 1.31
N LEU B 206 2.84 -14.10 1.58
CA LEU B 206 2.00 -14.92 2.45
C LEU B 206 1.45 -16.13 1.71
N LEU B 207 1.09 -15.97 0.42
CA LEU B 207 0.58 -17.08 -0.35
C LEU B 207 1.61 -18.18 -0.52
N GLU B 208 2.89 -17.82 -0.58
CA GLU B 208 3.95 -18.81 -0.77
C GLU B 208 4.34 -19.45 0.55
N LEU B 209 4.35 -18.64 1.61
CA LEU B 209 4.49 -19.14 2.98
C LEU B 209 3.48 -20.25 3.24
N MET B 210 2.22 -20.02 2.84
CA MET B 210 1.17 -21.01 3.03
C MET B 210 1.41 -22.24 2.15
N ASN B 211 1.88 -22.04 0.91
CA ASN B 211 2.19 -23.15 0.04
C ASN B 211 3.22 -24.09 0.63
N LYS B 212 4.22 -23.57 1.34
CA LYS B 212 5.31 -24.41 1.83
C LYS B 212 4.91 -25.28 3.03
N HIS B 213 3.63 -25.32 3.39
CA HIS B 213 3.18 -26.17 4.48
C HIS B 213 2.58 -27.45 3.92
N ASP B 214 2.88 -28.57 4.58
CA ASP B 214 2.51 -29.87 4.04
C ASP B 214 1.09 -30.32 4.40
N THR B 215 0.46 -29.68 5.36
CA THR B 215 -0.89 -30.03 5.78
C THR B 215 -1.85 -29.98 4.60
N GLU B 216 -2.95 -30.74 4.70
CA GLU B 216 -4.03 -30.70 3.71
C GLU B 216 -5.04 -29.59 4.01
N MET B 217 -5.01 -29.00 5.21
CA MET B 217 -5.86 -27.87 5.55
C MET B 217 -5.71 -26.68 4.59
N LYS B 218 -4.57 -26.60 3.88
CA LYS B 218 -4.28 -25.52 2.95
C LYS B 218 -5.21 -25.52 1.72
N TYR B 219 -6.10 -26.51 1.62
CA TYR B 219 -7.01 -26.66 0.50
C TYR B 219 -8.29 -25.85 0.66
N TYR B 220 -8.46 -25.20 1.81
CA TYR B 220 -9.58 -24.31 2.02
C TYR B 220 -9.18 -22.87 1.67
N ILE B 221 -7.97 -22.70 1.16
CA ILE B 221 -7.46 -21.42 0.73
C ILE B 221 -7.20 -21.52 -0.77
N VAL B 222 -7.61 -20.49 -1.51
CA VAL B 222 -7.42 -20.48 -2.96
C VAL B 222 -5.94 -20.56 -3.32
N HIS B 223 -5.63 -21.30 -4.38
CA HIS B 223 -4.27 -21.69 -4.68
C HIS B 223 -3.58 -20.70 -5.62
N LEU B 224 -2.40 -20.21 -5.19
CA LEU B 224 -1.49 -19.46 -6.05
C LEU B 224 -0.57 -20.40 -6.80
N LYS B 225 -0.63 -20.37 -8.13
CA LYS B 225 0.11 -21.35 -8.93
C LYS B 225 1.48 -20.84 -9.33
N ARG B 226 1.55 -19.66 -9.89
CA ARG B 226 2.83 -19.03 -10.21
C ARG B 226 2.54 -17.53 -10.26
N HIS B 227 3.61 -16.75 -10.44
CA HIS B 227 3.51 -15.33 -10.71
C HIS B 227 4.65 -14.94 -11.64
N PHE B 228 4.42 -13.91 -12.44
CA PHE B 228 5.44 -13.43 -13.36
C PHE B 228 5.20 -11.97 -13.67
N MET B 229 6.18 -11.32 -14.28
CA MET B 229 5.99 -9.98 -14.80
C MET B 229 5.77 -10.08 -16.29
N PHE B 230 4.84 -9.28 -16.79
CA PHE B 230 4.46 -9.30 -18.20
C PHE B 230 4.05 -7.89 -18.56
N ARG B 231 4.71 -7.30 -19.55
CA ARG B 231 4.42 -5.93 -20.02
C ARG B 231 4.30 -4.93 -18.87
N ASN B 232 5.30 -4.93 -17.98
CA ASN B 232 5.34 -4.10 -16.77
C ASN B 232 4.14 -4.32 -15.85
N HIS B 233 3.64 -5.54 -15.75
CA HIS B 233 2.60 -5.83 -14.79
C HIS B 233 2.98 -7.09 -14.00
N LEU B 234 2.77 -7.04 -12.69
CA LEU B 234 2.84 -8.25 -11.88
C LEU B 234 1.54 -9.03 -12.00
N CYS B 235 1.67 -10.31 -12.36
CA CYS B 235 0.54 -11.17 -12.66
C CYS B 235 0.60 -12.39 -11.76
N LEU B 236 -0.50 -12.68 -11.07
CA LEU B 236 -0.58 -13.79 -10.13
C LEU B 236 -1.58 -14.79 -10.68
N VAL B 237 -1.10 -16.01 -10.98
CA VAL B 237 -1.93 -17.04 -11.60
C VAL B 237 -2.57 -17.87 -10.49
N PHE B 238 -3.90 -17.86 -10.43
CA PHE B 238 -4.68 -18.63 -9.47
C PHE B 238 -5.52 -19.69 -10.19
N GLU B 239 -6.10 -20.59 -9.39
CA GLU B 239 -7.07 -21.55 -9.87
C GLU B 239 -8.43 -20.87 -10.08
N MET B 240 -9.26 -21.48 -10.95
CA MET B 240 -10.57 -20.93 -11.29
C MET B 240 -11.68 -21.57 -10.46
N LEU B 241 -12.55 -20.74 -9.86
CA LEU B 241 -13.59 -21.19 -8.94
C LEU B 241 -14.93 -20.59 -9.36
N SER B 242 -16.01 -21.08 -8.73
CA SER B 242 -17.31 -21.02 -9.37
C SER B 242 -18.19 -19.83 -8.98
N TYR B 243 -18.72 -19.78 -7.77
CA TYR B 243 -19.60 -18.69 -7.35
C TYR B 243 -19.23 -18.36 -5.91
N ASN B 244 -19.78 -17.26 -5.41
CA ASN B 244 -19.55 -16.97 -4.01
C ASN B 244 -20.83 -17.16 -3.21
N LEU B 245 -20.67 -17.15 -1.88
CA LEU B 245 -21.79 -17.43 -0.98
C LEU B 245 -22.83 -16.31 -1.01
N TYR B 246 -22.46 -15.14 -1.52
CA TYR B 246 -23.44 -14.10 -1.82
C TYR B 246 -24.28 -14.49 -3.01
N ASP B 247 -23.65 -15.00 -4.06
CA ASP B 247 -24.38 -15.59 -5.18
C ASP B 247 -25.37 -16.63 -4.71
N LEU B 248 -24.92 -17.53 -3.83
CA LEU B 248 -25.82 -18.57 -3.32
C LEU B 248 -27.02 -17.97 -2.60
N LEU B 249 -26.79 -16.96 -1.76
CA LEU B 249 -27.90 -16.30 -1.09
C LEU B 249 -28.88 -15.66 -2.08
N ARG B 250 -28.38 -15.08 -3.19
CA ARG B 250 -29.28 -14.57 -4.23
C ARG B 250 -30.16 -15.66 -4.76
N ASN B 251 -29.63 -16.86 -4.93
CA ASN B 251 -30.47 -17.93 -5.45
C ASN B 251 -31.49 -18.45 -4.44
N THR B 252 -31.23 -18.35 -3.13
CA THR B 252 -32.27 -18.63 -2.16
C THR B 252 -33.29 -17.50 -2.11
N ASN B 253 -33.06 -16.46 -2.91
CA ASN B 253 -33.83 -15.23 -2.84
C ASN B 253 -33.79 -14.66 -1.41
N PHE B 254 -32.61 -14.71 -0.81
CA PHE B 254 -32.37 -14.21 0.55
C PHE B 254 -33.35 -14.81 1.55
N ARG B 255 -33.51 -16.13 1.45
CA ARG B 255 -34.28 -16.90 2.39
C ARG B 255 -33.45 -17.94 3.12
N GLY B 256 -32.19 -18.16 2.69
CA GLY B 256 -31.16 -18.93 3.37
C GLY B 256 -31.03 -20.36 2.85
N VAL B 257 -29.93 -21.00 3.22
CA VAL B 257 -29.74 -22.42 3.00
C VAL B 257 -30.06 -23.16 4.29
N SER B 258 -30.00 -24.50 4.25
CA SER B 258 -30.41 -25.32 5.38
C SER B 258 -29.34 -25.40 6.47
N LEU B 259 -29.77 -25.76 7.68
CA LEU B 259 -28.82 -25.97 8.77
C LEU B 259 -27.81 -27.06 8.44
N ASN B 260 -28.17 -28.01 7.56
CA ASN B 260 -27.21 -29.06 7.25
C ASN B 260 -26.15 -28.58 6.27
N LEU B 261 -26.54 -27.73 5.31
CA LEU B 261 -25.54 -27.08 4.50
C LEU B 261 -24.70 -26.09 5.31
N THR B 262 -25.33 -25.36 6.24
CA THR B 262 -24.61 -24.38 7.06
C THR B 262 -23.53 -25.07 7.87
N ARG B 263 -23.85 -26.21 8.48
CA ARG B 263 -22.88 -26.94 9.27
C ARG B 263 -21.68 -27.33 8.41
N LYS B 264 -21.93 -27.67 7.14
CA LYS B 264 -20.83 -28.01 6.25
C LYS B 264 -19.92 -26.82 5.96
N PHE B 265 -20.51 -25.65 5.69
CA PHE B 265 -19.70 -24.45 5.51
C PHE B 265 -18.94 -24.10 6.78
N ALA B 266 -19.61 -24.20 7.94
CA ALA B 266 -19.02 -23.82 9.22
C ALA B 266 -17.75 -24.61 9.51
N GLN B 267 -17.83 -25.93 9.31
CA GLN B 267 -16.69 -26.82 9.55
C GLN B 267 -15.46 -26.46 8.72
N GLN B 268 -15.65 -26.27 7.41
CA GLN B 268 -14.53 -25.96 6.52
C GLN B 268 -13.92 -24.61 6.87
N MET B 269 -14.77 -23.63 7.24
CA MET B 269 -14.27 -22.32 7.60
C MET B 269 -13.47 -22.38 8.90
N CYS B 270 -13.94 -23.16 9.88
CA CYS B 270 -13.19 -23.29 11.12
C CYS B 270 -11.84 -23.96 10.88
N THR B 271 -11.78 -24.92 9.95
CA THR B 271 -10.51 -25.57 9.65
C THR B 271 -9.56 -24.64 8.92
N ALA B 272 -10.08 -23.85 7.98
CA ALA B 272 -9.26 -22.85 7.31
C ALA B 272 -8.68 -21.85 8.32
N LEU B 273 -9.46 -21.46 9.32
CA LEU B 273 -8.97 -20.50 10.30
C LEU B 273 -7.94 -21.12 11.23
N LEU B 274 -8.04 -22.43 11.46
CA LEU B 274 -7.05 -23.17 12.23
C LEU B 274 -5.73 -23.23 11.47
N PHE B 275 -5.80 -23.36 10.13
CA PHE B 275 -4.61 -23.29 9.31
C PHE B 275 -3.96 -21.91 9.39
N LEU B 276 -4.76 -20.85 9.33
CA LEU B 276 -4.20 -19.51 9.29
C LEU B 276 -3.59 -19.10 10.64
N ALA B 277 -3.88 -19.85 11.70
CA ALA B 277 -3.39 -19.53 13.03
C ALA B 277 -2.13 -20.30 13.43
N THR B 278 -1.65 -21.25 12.60
CA THR B 278 -0.39 -21.93 12.89
C THR B 278 0.70 -20.89 13.13
N PRO B 279 1.60 -21.13 14.08
CA PRO B 279 2.43 -20.01 14.58
C PRO B 279 3.30 -19.37 13.50
N GLU B 280 3.91 -20.20 12.65
CA GLU B 280 4.76 -19.76 11.55
C GLU B 280 4.01 -18.96 10.49
N LEU B 281 2.68 -18.91 10.52
CA LEU B 281 1.90 -18.16 9.56
C LEU B 281 1.27 -16.94 10.21
N SER B 282 0.33 -17.16 11.16
CA SER B 282 -0.25 -16.11 11.98
C SER B 282 -0.84 -14.99 11.11
N ILE B 283 -1.84 -15.36 10.31
CA ILE B 283 -2.43 -14.47 9.31
C ILE B 283 -3.85 -14.11 9.74
N ILE B 284 -4.17 -12.81 9.69
CA ILE B 284 -5.52 -12.31 9.86
C ILE B 284 -6.04 -11.86 8.49
N HIS B 285 -7.09 -12.53 8.01
CA HIS B 285 -7.65 -12.18 6.69
C HIS B 285 -8.08 -10.73 6.62
N CYS B 286 -8.88 -10.30 7.59
CA CYS B 286 -9.38 -8.96 7.85
C CYS B 286 -10.62 -8.62 7.04
N ASP B 287 -10.96 -9.38 6.01
CA ASP B 287 -12.07 -9.06 5.13
C ASP B 287 -12.97 -10.25 4.87
N LEU B 288 -13.38 -10.95 5.92
CA LEU B 288 -14.22 -12.13 5.74
C LEU B 288 -15.67 -11.72 5.55
N LYS B 289 -16.26 -12.13 4.42
CA LYS B 289 -17.65 -11.84 4.08
C LYS B 289 -18.10 -12.89 3.06
N PRO B 290 -19.39 -12.95 2.77
CA PRO B 290 -19.86 -13.97 1.80
C PRO B 290 -19.32 -13.80 0.39
N GLU B 291 -19.00 -12.58 -0.04
CA GLU B 291 -18.39 -12.43 -1.36
C GLU B 291 -17.01 -13.06 -1.45
N ASN B 292 -16.34 -13.32 -0.32
CA ASN B 292 -14.95 -13.76 -0.32
C ASN B 292 -14.81 -15.24 0.02
N ILE B 293 -15.93 -15.97 0.06
CA ILE B 293 -15.96 -17.42 0.19
C ILE B 293 -16.56 -17.97 -1.10
N LEU B 294 -15.80 -18.81 -1.79
CA LEU B 294 -16.16 -19.28 -3.12
C LEU B 294 -16.44 -20.78 -3.12
N LEU B 295 -17.48 -21.17 -3.85
CA LEU B 295 -17.76 -22.59 -4.10
C LEU B 295 -16.74 -23.14 -5.09
N CYS B 296 -16.30 -24.38 -4.86
CA CYS B 296 -15.42 -25.02 -5.85
C CYS B 296 -16.21 -25.40 -7.10
N ASN B 297 -17.18 -26.28 -6.94
CA ASN B 297 -18.10 -26.67 -7.97
C ASN B 297 -19.51 -26.21 -7.60
N PRO B 298 -20.29 -25.70 -8.57
CA PRO B 298 -21.64 -25.19 -8.26
C PRO B 298 -22.64 -26.24 -7.79
N LYS B 299 -22.28 -27.53 -7.81
CA LYS B 299 -23.19 -28.60 -7.44
C LYS B 299 -22.81 -29.26 -6.11
N ARG B 300 -21.87 -28.69 -5.36
CA ARG B 300 -21.31 -29.35 -4.19
C ARG B 300 -21.03 -28.33 -3.09
N SER B 301 -20.61 -28.80 -1.91
CA SER B 301 -20.47 -27.92 -0.75
C SER B 301 -19.05 -27.47 -0.47
N ALA B 302 -18.05 -27.93 -1.21
CA ALA B 302 -16.68 -27.51 -0.95
C ALA B 302 -16.52 -26.01 -1.19
N ILE B 303 -15.85 -25.32 -0.26
CA ILE B 303 -15.64 -23.87 -0.34
C ILE B 303 -14.17 -23.56 -0.04
N LYS B 304 -13.78 -22.33 -0.37
CA LYS B 304 -12.40 -21.83 -0.27
C LYS B 304 -12.44 -20.35 0.06
N ILE B 305 -11.37 -19.83 0.68
CA ILE B 305 -11.26 -18.40 0.99
C ILE B 305 -10.37 -17.73 -0.05
N VAL B 306 -10.69 -16.46 -0.37
CA VAL B 306 -9.96 -15.67 -1.37
C VAL B 306 -9.82 -14.22 -0.89
N ASP B 307 -9.04 -13.45 -1.67
CA ASP B 307 -8.69 -12.05 -1.41
C ASP B 307 -7.93 -11.86 -0.09
N PHE B 308 -6.71 -12.32 -0.12
CA PHE B 308 -5.84 -11.98 1.00
C PHE B 308 -5.21 -10.60 0.85
N GLY B 309 -5.72 -9.77 -0.06
CA GLY B 309 -5.20 -8.44 -0.32
C GLY B 309 -5.41 -7.44 0.81
N SER B 310 -6.20 -7.77 1.84
CA SER B 310 -6.33 -6.92 3.01
C SER B 310 -5.71 -7.57 4.24
N SER B 311 -4.83 -8.54 4.03
CA SER B 311 -4.31 -9.39 5.10
C SER B 311 -3.13 -8.77 5.82
N CYS B 312 -2.97 -9.17 7.08
CA CYS B 312 -1.79 -8.84 7.86
C CYS B 312 -1.35 -10.05 8.69
N GLN B 313 -0.20 -9.90 9.34
CA GLN B 313 0.35 -10.90 10.25
C GLN B 313 0.35 -10.31 11.65
N LEU B 314 0.17 -11.17 12.65
CA LEU B 314 0.24 -10.76 14.06
C LEU B 314 1.51 -9.98 14.33
N GLY B 315 1.36 -8.71 14.70
CA GLY B 315 2.53 -7.91 14.92
C GLY B 315 2.56 -6.75 13.96
N GLN B 316 2.29 -7.00 12.69
CA GLN B 316 2.34 -6.00 11.61
C GLN B 316 1.53 -4.67 11.84
N TYR B 319 -3.34 0.16 11.84
CA TYR B 319 -4.52 0.09 10.97
C TYR B 319 -5.80 0.10 11.79
N GLN B 320 -6.57 1.19 11.80
CA GLN B 320 -7.73 1.20 12.67
C GLN B 320 -9.08 0.92 11.97
N ILE B 322 -10.79 -1.08 9.78
CA ILE B 322 -10.46 -2.26 8.94
C ILE B 322 -11.57 -3.19 8.45
N GLN B 323 -12.37 -3.88 9.24
CA GLN B 323 -13.16 -4.91 8.55
C GLN B 323 -14.30 -4.28 7.69
N SER B 324 -15.13 -5.10 7.00
CA SER B 324 -16.39 -4.59 6.41
C SER B 324 -17.47 -4.40 7.46
N ARG B 325 -18.16 -3.26 7.41
CA ARG B 325 -19.02 -2.85 8.51
C ARG B 325 -19.87 -3.96 9.10
N PHE B 326 -20.66 -4.66 8.29
CA PHE B 326 -21.52 -5.74 8.79
C PHE B 326 -20.79 -6.83 9.56
N TYR B 327 -19.53 -7.10 9.23
CA TYR B 327 -18.77 -8.18 9.84
C TYR B 327 -17.65 -7.68 10.76
N ARG B 328 -17.62 -6.38 11.05
CA ARG B 328 -16.56 -5.77 11.84
C ARG B 328 -16.74 -6.05 13.34
N SER B 329 -15.66 -6.50 13.99
CA SER B 329 -15.73 -6.99 15.37
C SER B 329 -15.79 -5.83 16.35
N PRO B 330 -16.20 -6.08 17.59
CA PRO B 330 -16.32 -4.97 18.57
C PRO B 330 -15.00 -4.28 18.92
N GLU B 331 -13.93 -5.04 19.13
CA GLU B 331 -12.62 -4.44 19.41
C GLU B 331 -12.20 -3.46 18.32
N VAL B 332 -12.60 -3.73 17.06
CA VAL B 332 -12.25 -2.85 15.95
C VAL B 332 -13.10 -1.58 16.00
N LEU B 333 -14.40 -1.72 16.22
CA LEU B 333 -15.28 -0.55 16.37
C LEU B 333 -14.81 0.36 17.50
N LEU B 334 -14.26 -0.23 18.57
CA LEU B 334 -13.86 0.49 19.77
C LEU B 334 -12.44 1.02 19.71
N GLY B 335 -11.76 0.84 18.58
CA GLY B 335 -10.40 1.31 18.45
C GLY B 335 -9.38 0.66 19.36
N MET B 336 -9.48 -0.64 19.58
CA MET B 336 -8.56 -1.39 20.42
C MET B 336 -7.64 -2.30 19.61
N PRO B 337 -6.57 -2.84 20.23
CA PRO B 337 -5.75 -3.84 19.56
C PRO B 337 -6.56 -5.06 19.18
N TYR B 338 -6.18 -5.70 18.07
CA TYR B 338 -6.88 -6.87 17.56
C TYR B 338 -5.90 -7.97 17.21
N ASP B 339 -6.41 -9.19 17.15
CA ASP B 339 -5.62 -10.38 16.84
C ASP B 339 -6.37 -11.19 15.80
N LEU B 340 -6.07 -12.49 15.74
CA LEU B 340 -6.79 -13.36 14.82
C LEU B 340 -8.25 -13.58 15.23
N ALA B 341 -8.66 -13.02 16.37
CA ALA B 341 -10.02 -13.22 16.85
C ALA B 341 -11.05 -12.48 16.02
N ILE B 342 -10.63 -11.45 15.27
CA ILE B 342 -11.60 -10.67 14.49
C ILE B 342 -12.17 -11.52 13.35
N ASP B 343 -11.40 -12.47 12.83
CA ASP B 343 -11.92 -13.37 11.81
C ASP B 343 -13.00 -14.31 12.35
N MET B 344 -12.97 -14.62 13.65
CA MET B 344 -13.95 -15.49 14.27
C MET B 344 -15.26 -14.76 14.62
N TRP B 345 -15.19 -13.48 14.99
CA TRP B 345 -16.41 -12.67 15.04
C TRP B 345 -17.14 -12.71 13.68
N SER B 346 -16.40 -12.47 12.58
CA SER B 346 -17.04 -12.44 11.27
C SER B 346 -17.71 -13.76 10.96
N LEU B 347 -16.98 -14.87 11.19
CA LEU B 347 -17.51 -16.21 10.90
C LEU B 347 -18.88 -16.43 11.54
N GLY B 348 -19.07 -15.95 12.77
CA GLY B 348 -20.36 -16.09 13.42
C GLY B 348 -21.43 -15.26 12.73
N CYS B 349 -21.14 -13.97 12.45
CA CYS B 349 -22.04 -13.13 11.67
C CYS B 349 -22.39 -13.76 10.33
N ILE B 350 -21.41 -14.43 9.70
CA ILE B 350 -21.62 -14.98 8.36
C ILE B 350 -22.50 -16.22 8.40
N LEU B 351 -22.31 -17.08 9.41
CA LEU B 351 -23.03 -18.34 9.45
C LEU B 351 -24.53 -18.11 9.70
N VAL B 352 -24.87 -17.13 10.53
CA VAL B 352 -26.28 -16.83 10.78
C VAL B 352 -26.93 -16.29 9.52
N GLU B 353 -26.19 -15.48 8.74
CA GLU B 353 -26.74 -14.96 7.51
C GLU B 353 -26.94 -16.05 6.47
N MET B 354 -26.14 -17.11 6.49
CA MET B 354 -26.31 -18.15 5.50
C MET B 354 -27.55 -18.99 5.74
N HIS B 355 -27.96 -19.14 7.00
CA HIS B 355 -29.18 -19.88 7.32
C HIS B 355 -30.45 -19.02 7.22
N THR B 356 -30.41 -17.73 7.66
CA THR B 356 -31.60 -16.86 7.59
C THR B 356 -31.74 -16.15 6.24
N GLY B 357 -30.65 -15.92 5.53
CA GLY B 357 -30.65 -15.22 4.26
C GLY B 357 -30.30 -13.75 4.36
N GLU B 358 -30.32 -13.17 5.56
CA GLU B 358 -30.21 -11.74 5.82
C GLU B 358 -29.08 -11.47 6.79
N PRO B 359 -28.41 -10.32 6.69
CA PRO B 359 -27.28 -10.04 7.58
C PRO B 359 -27.70 -9.80 9.02
N LEU B 360 -26.91 -10.35 9.95
CA LEU B 360 -27.23 -10.28 11.37
C LEU B 360 -27.24 -8.84 11.87
N PHE B 361 -26.18 -8.09 11.56
CA PHE B 361 -25.97 -6.70 12.02
C PHE B 361 -25.67 -5.84 10.78
N SER B 362 -26.68 -5.12 10.27
CA SER B 362 -26.55 -4.29 9.07
C SER B 362 -26.70 -2.81 9.44
N GLY B 363 -25.63 -2.16 9.85
CA GLY B 363 -25.68 -0.77 10.21
C GLY B 363 -25.20 0.13 9.08
N ALA B 364 -25.75 1.34 9.03
CA ALA B 364 -25.33 2.33 8.04
C ALA B 364 -24.07 3.10 8.43
N ASN B 365 -23.74 3.17 9.72
CA ASN B 365 -22.46 3.69 10.17
C ASN B 365 -22.01 2.88 11.37
N GLU B 366 -20.92 3.35 11.99
CA GLU B 366 -20.36 2.66 13.14
C GLU B 366 -21.31 2.73 14.33
N VAL B 367 -21.87 3.90 14.58
CA VAL B 367 -22.79 4.04 15.71
C VAL B 367 -24.01 3.15 15.52
N ASP B 368 -24.61 3.14 14.32
CA ASP B 368 -25.68 2.17 14.03
C ASP B 368 -25.22 0.73 14.17
N GLN B 369 -24.01 0.42 13.69
CA GLN B 369 -23.47 -0.95 13.81
C GLN B 369 -23.34 -1.38 15.26
N MET B 370 -22.75 -0.53 16.11
CA MET B 370 -22.60 -0.86 17.53
C MET B 370 -23.94 -0.95 18.24
N ASN B 371 -24.90 -0.09 17.86
CA ASN B 371 -26.22 -0.18 18.46
C ASN B 371 -26.97 -1.44 18.07
N LYS B 372 -26.72 -1.97 16.89
CA LYS B 372 -27.45 -3.15 16.45
C LYS B 372 -26.84 -4.42 17.02
N ILE B 373 -25.59 -4.32 17.50
CA ILE B 373 -24.94 -5.41 18.21
C ILE B 373 -25.43 -5.48 19.65
N VAL B 374 -25.55 -4.30 20.30
CA VAL B 374 -26.06 -4.22 21.66
C VAL B 374 -27.50 -4.72 21.72
N GLU B 375 -28.28 -4.48 20.67
CA GLU B 375 -29.63 -5.03 20.60
C GLU B 375 -29.67 -6.54 20.82
N VAL B 376 -28.62 -7.27 20.42
CA VAL B 376 -28.63 -8.72 20.45
C VAL B 376 -27.84 -9.23 21.65
N LEU B 377 -26.77 -8.55 22.01
CA LEU B 377 -25.87 -9.09 23.00
C LEU B 377 -25.81 -8.25 24.27
N GLY B 378 -26.54 -7.13 24.36
CA GLY B 378 -26.48 -6.26 25.52
C GLY B 378 -25.25 -5.37 25.55
N ILE B 379 -25.14 -4.57 26.62
CA ILE B 379 -23.97 -3.69 26.82
C ILE B 379 -22.72 -4.54 27.04
N PRO B 380 -21.58 -4.17 26.48
CA PRO B 380 -20.35 -4.99 26.60
C PRO B 380 -19.83 -5.02 28.03
N PRO B 381 -19.06 -6.05 28.38
CA PRO B 381 -18.39 -6.08 29.69
C PRO B 381 -17.74 -4.75 30.05
N ALA B 382 -17.85 -4.38 31.32
CA ALA B 382 -17.28 -3.12 31.77
C ALA B 382 -15.76 -3.11 31.71
N HIS B 383 -15.08 -4.27 31.76
CA HIS B 383 -13.61 -4.25 31.75
C HIS B 383 -13.05 -3.99 30.36
N ILE B 384 -13.85 -4.21 29.30
CA ILE B 384 -13.43 -3.89 27.95
C ILE B 384 -13.69 -2.41 27.62
N LEU B 385 -14.82 -1.88 28.09
CA LEU B 385 -15.15 -0.48 27.82
C LEU B 385 -14.17 0.46 28.51
N ASP B 386 -13.81 0.16 29.76
CA ASP B 386 -12.86 0.97 30.53
C ASP B 386 -11.48 0.98 29.91
N GLN B 387 -11.24 0.15 28.89
CA GLN B 387 -9.95 0.14 28.22
C GLN B 387 -10.07 0.60 26.77
N ALA B 388 -11.20 1.19 26.40
CA ALA B 388 -11.51 1.32 24.99
C ALA B 388 -11.38 2.78 24.57
N PRO B 389 -10.41 3.12 23.71
CA PRO B 389 -10.34 4.51 23.21
C PRO B 389 -11.68 5.08 22.74
N LYS B 390 -12.28 4.51 21.69
CA LYS B 390 -13.51 5.08 21.14
C LYS B 390 -14.76 4.67 21.93
N ALA B 391 -14.63 4.42 23.24
CA ALA B 391 -15.80 3.97 23.99
C ALA B 391 -16.90 5.02 24.08
N ARG B 392 -16.53 6.30 24.21
CA ARG B 392 -17.48 7.36 24.46
C ARG B 392 -18.14 7.90 23.20
N LYS B 393 -17.83 7.31 22.05
CA LYS B 393 -18.62 7.56 20.85
C LYS B 393 -19.93 6.77 20.87
N PHE B 394 -20.03 5.72 21.72
CA PHE B 394 -21.17 4.83 21.78
C PHE B 394 -21.86 4.82 23.16
N PHE B 395 -21.06 4.95 24.22
CA PHE B 395 -21.54 4.69 25.57
C PHE B 395 -21.23 5.86 26.50
N GLU B 396 -21.84 5.84 27.70
CA GLU B 396 -21.58 6.80 28.78
C GLU B 396 -21.55 6.05 30.11
N LYS B 397 -20.83 6.61 31.08
CA LYS B 397 -20.66 5.99 32.39
C LYS B 397 -21.64 6.63 33.38
N LEU B 398 -22.44 5.81 34.06
CA LEU B 398 -23.39 6.32 35.04
C LEU B 398 -22.75 6.63 36.38
N PRO B 399 -23.44 7.39 37.23
CA PRO B 399 -22.88 7.74 38.54
C PRO B 399 -22.43 6.55 39.38
N ASP B 400 -23.03 5.37 39.21
CA ASP B 400 -22.53 4.19 39.91
C ASP B 400 -21.37 3.54 39.18
N GLY B 401 -20.92 4.11 38.07
CA GLY B 401 -19.81 3.55 37.33
C GLY B 401 -20.14 2.43 36.40
N THR B 402 -21.42 2.14 36.16
CA THR B 402 -21.76 1.22 35.09
C THR B 402 -21.86 1.99 33.78
N TRP B 403 -21.89 1.26 32.68
CA TRP B 403 -21.91 1.84 31.34
C TRP B 403 -23.32 1.74 30.75
N SER B 404 -23.68 2.70 29.91
CA SER B 404 -24.98 2.73 29.25
C SER B 404 -24.79 3.31 27.84
N LEU B 405 -25.78 3.10 26.96
CA LEU B 405 -25.72 3.71 25.62
C LEU B 405 -25.91 5.21 25.73
N LYS B 406 -25.68 5.90 24.62
CA LYS B 406 -25.76 7.35 24.66
C LYS B 406 -26.62 7.90 23.52
N GLU B 414 -35.08 4.47 19.21
CA GLU B 414 -35.27 3.90 17.88
C GLU B 414 -34.74 2.48 17.83
N TYR B 415 -33.95 2.11 18.86
CA TYR B 415 -33.37 0.79 18.97
C TYR B 415 -34.06 0.03 20.09
N LYS B 416 -34.21 -1.28 19.91
CA LYS B 416 -34.73 -2.12 20.98
C LYS B 416 -33.83 -2.02 22.20
N PRO B 417 -34.32 -2.24 23.39
CA PRO B 417 -33.54 -2.12 24.61
C PRO B 417 -32.32 -3.00 24.52
N PRO B 418 -31.20 -2.66 25.18
CA PRO B 418 -30.02 -3.51 25.14
C PRO B 418 -30.32 -4.97 25.45
N GLY B 419 -30.07 -5.87 24.49
CA GLY B 419 -30.14 -7.30 24.69
C GLY B 419 -31.47 -7.95 24.40
N THR B 420 -32.46 -7.20 23.95
CA THR B 420 -33.81 -7.73 23.85
C THR B 420 -34.11 -8.41 22.52
N ARG B 421 -33.33 -8.12 21.46
CA ARG B 421 -33.38 -8.87 20.21
C ARG B 421 -32.58 -10.16 20.37
N LYS B 422 -33.27 -11.27 20.60
CA LYS B 422 -32.62 -12.50 21.02
C LYS B 422 -32.33 -13.35 19.80
N LEU B 423 -31.10 -13.87 19.73
CA LEU B 423 -30.77 -14.82 18.68
C LEU B 423 -31.66 -16.06 18.75
N HIS B 424 -32.19 -16.36 19.94
CA HIS B 424 -33.14 -17.47 20.07
C HIS B 424 -34.34 -17.28 19.15
N ASN B 425 -34.84 -16.05 19.00
CA ASN B 425 -35.96 -15.81 18.09
C ASN B 425 -35.54 -15.45 16.65
N ILE B 426 -34.36 -14.85 16.48
CA ILE B 426 -33.79 -14.68 15.14
C ILE B 426 -33.70 -16.03 14.42
N LEU B 427 -33.24 -17.07 15.13
CA LEU B 427 -33.06 -18.39 14.54
C LEU B 427 -34.34 -19.24 14.55
N GLY B 428 -35.35 -18.83 15.32
CA GLY B 428 -36.57 -19.60 15.46
C GLY B 428 -36.37 -20.91 16.16
N VAL B 429 -35.55 -20.92 17.23
CA VAL B 429 -35.17 -22.15 17.91
C VAL B 429 -36.38 -23.04 18.15
N GLU B 430 -37.41 -22.51 18.80
CA GLU B 430 -38.60 -23.27 19.11
C GLU B 430 -39.75 -22.97 18.16
N THR B 431 -39.54 -22.14 17.14
CA THR B 431 -40.63 -21.72 16.26
C THR B 431 -40.46 -22.24 14.84
N GLY B 432 -39.79 -23.37 14.69
CA GLY B 432 -39.67 -23.96 13.36
C GLY B 432 -38.65 -23.31 12.46
N GLY B 433 -37.68 -22.57 13.01
CA GLY B 433 -36.58 -22.00 12.24
C GLY B 433 -36.90 -20.61 11.75
N PRO B 434 -35.96 -20.00 10.99
CA PRO B 434 -36.16 -18.64 10.46
C PRO B 434 -37.44 -18.49 9.62
N GLY B 435 -38.34 -17.63 10.08
CA GLY B 435 -39.64 -17.50 9.46
C GLY B 435 -40.43 -18.79 9.41
N GLY B 436 -40.20 -19.70 10.36
CA GLY B 436 -40.86 -20.98 10.40
C GLY B 436 -40.70 -21.80 9.14
N ARG B 437 -39.72 -21.46 8.28
CA ARG B 437 -39.58 -22.13 6.99
C ARG B 437 -39.05 -23.57 7.10
N ARG B 438 -38.54 -23.98 8.26
CA ARG B 438 -37.86 -25.26 8.41
C ARG B 438 -38.65 -26.23 9.27
N ALA B 439 -39.93 -25.95 9.53
CA ALA B 439 -40.72 -26.76 10.44
C ALA B 439 -40.88 -28.18 9.90
N GLY B 440 -40.54 -29.16 10.73
CA GLY B 440 -40.61 -30.55 10.34
C GLY B 440 -39.42 -31.06 9.57
N GLU B 441 -38.62 -30.18 8.95
CA GLU B 441 -37.42 -30.64 8.26
C GLU B 441 -36.45 -31.37 9.20
N SER B 442 -35.80 -32.40 8.66
CA SER B 442 -34.87 -33.19 9.43
C SER B 442 -33.58 -32.40 9.68
N GLY B 443 -32.86 -32.80 10.73
CA GLY B 443 -31.67 -32.08 11.16
C GLY B 443 -31.93 -30.70 11.71
N HIS B 444 -33.21 -30.31 11.85
CA HIS B 444 -33.67 -28.96 12.17
C HIS B 444 -34.52 -28.96 13.44
N THR B 445 -34.17 -29.84 14.38
CA THR B 445 -34.93 -30.00 15.61
C THR B 445 -34.58 -28.91 16.62
N VAL B 446 -35.33 -28.88 17.72
CA VAL B 446 -35.03 -27.94 18.80
C VAL B 446 -33.63 -28.20 19.34
N ALA B 447 -33.28 -29.49 19.53
CA ALA B 447 -31.95 -29.84 19.99
C ALA B 447 -30.87 -29.33 19.03
N ASP B 448 -31.18 -29.36 17.73
CA ASP B 448 -30.24 -28.88 16.72
C ASP B 448 -30.03 -27.37 16.79
N TYR B 449 -31.12 -26.60 16.78
CA TYR B 449 -31.00 -25.16 16.83
C TYR B 449 -30.32 -24.72 18.13
N LEU B 450 -30.62 -25.40 19.23
CA LEU B 450 -30.02 -25.05 20.51
C LEU B 450 -28.50 -25.21 20.47
N LYS B 451 -28.02 -26.22 19.74
CA LYS B 451 -26.59 -26.41 19.61
C LYS B 451 -25.99 -25.34 18.70
N PHE B 452 -26.68 -25.04 17.58
CA PHE B 452 -26.22 -23.96 16.70
C PHE B 452 -26.13 -22.63 17.45
N LYS B 453 -27.15 -22.28 18.25
CA LYS B 453 -27.13 -21.07 19.07
C LYS B 453 -25.88 -21.00 19.94
N ASP B 454 -25.56 -22.10 20.64
CA ASP B 454 -24.39 -22.12 21.53
C ASP B 454 -23.13 -21.69 20.81
N LEU B 455 -22.77 -22.42 19.75
CA LEU B 455 -21.57 -22.14 18.98
C LEU B 455 -21.52 -20.67 18.51
N ILE B 456 -22.61 -20.16 17.95
CA ILE B 456 -22.63 -18.78 17.49
C ILE B 456 -22.35 -17.81 18.64
N LEU B 457 -22.98 -18.03 19.79
CA LEU B 457 -22.78 -17.11 20.90
C LEU B 457 -21.33 -17.12 21.35
N ARG B 458 -20.69 -18.28 21.26
CA ARG B 458 -19.28 -18.43 21.58
C ARG B 458 -18.39 -17.71 20.55
N MET B 459 -18.81 -17.65 19.28
CA MET B 459 -18.10 -16.86 18.27
C MET B 459 -18.35 -15.36 18.40
N LEU B 460 -19.54 -14.96 18.90
CA LEU B 460 -19.87 -13.56 19.11
C LEU B 460 -19.62 -13.09 20.54
N ASP B 461 -18.60 -13.65 21.20
CA ASP B 461 -18.15 -13.18 22.50
C ASP B 461 -17.49 -11.79 22.40
N TYR B 462 -17.86 -10.86 23.28
CA TYR B 462 -17.25 -9.51 23.24
C TYR B 462 -15.77 -9.55 23.56
N ASP B 463 -15.36 -10.44 24.45
CA ASP B 463 -13.97 -10.59 24.86
C ASP B 463 -13.18 -11.38 23.84
N PRO B 464 -12.33 -10.74 23.04
CA PRO B 464 -11.46 -11.48 22.11
C PRO B 464 -10.54 -12.46 22.80
N LYS B 465 -10.37 -12.37 24.11
CA LYS B 465 -9.52 -13.33 24.81
C LYS B 465 -10.24 -14.64 25.02
N THR B 466 -11.54 -14.61 25.34
CA THR B 466 -12.28 -15.83 25.61
C THR B 466 -13.10 -16.35 24.42
N ARG B 467 -13.26 -15.56 23.35
CA ARG B 467 -14.02 -16.01 22.18
C ARG B 467 -13.42 -17.30 21.64
N ILE B 468 -14.29 -18.25 21.27
CA ILE B 468 -13.97 -19.58 20.79
C ILE B 468 -12.85 -19.54 19.74
N GLN B 469 -11.89 -20.45 19.87
CA GLN B 469 -10.73 -20.64 19.02
C GLN B 469 -10.99 -21.80 18.06
N PRO B 470 -10.41 -21.75 16.85
CA PRO B 470 -10.86 -22.65 15.77
C PRO B 470 -10.85 -24.13 16.12
N TYR B 471 -9.90 -24.60 16.94
CA TYR B 471 -9.87 -26.02 17.26
C TYR B 471 -11.09 -26.42 18.09
N TYR B 472 -11.36 -25.67 19.15
CA TYR B 472 -12.42 -26.09 20.06
C TYR B 472 -13.78 -25.93 19.43
N ALA B 473 -13.91 -24.97 18.51
CA ALA B 473 -15.14 -24.84 17.73
C ALA B 473 -15.38 -26.09 16.88
N LEU B 474 -14.33 -26.61 16.24
CA LEU B 474 -14.43 -27.88 15.53
C LEU B 474 -14.78 -29.04 16.46
N GLN B 475 -14.61 -28.89 17.77
CA GLN B 475 -14.96 -29.97 18.69
C GLN B 475 -16.37 -29.81 19.24
N HIS B 476 -17.03 -28.69 18.96
CA HIS B 476 -18.36 -28.39 19.48
C HIS B 476 -19.38 -29.47 19.08
N SER B 477 -20.44 -29.61 19.89
CA SER B 477 -21.41 -30.68 19.65
C SER B 477 -22.24 -30.46 18.39
N PHE B 478 -22.40 -29.19 17.96
CA PHE B 478 -23.05 -28.90 16.69
C PHE B 478 -22.52 -29.76 15.56
N PHE B 479 -21.23 -30.04 15.58
CA PHE B 479 -20.54 -30.79 14.54
C PHE B 479 -20.62 -32.30 14.72
N LYS B 480 -21.11 -32.79 15.86
CA LYS B 480 -21.26 -34.24 16.03
C LYS B 480 -22.34 -34.85 15.13
#